data_1M7R
#
_entry.id   1M7R
#
_cell.length_a   158.25
_cell.length_b   82.66
_cell.length_c   100.13
_cell.angle_alpha   90.00
_cell.angle_beta   117.93
_cell.angle_gamma   90.00
#
_symmetry.space_group_name_H-M   'C 1 2 1'
#
loop_
_entity.id
_entity.type
_entity.pdbx_description
1 polymer 'Myotubularin-related Protein-2'
2 non-polymer 'PHOSPHATE ION'
3 water water
#
_entity_poly.entity_id   1
_entity_poly.type   'polypeptide(L)'
_entity_poly.pdbx_seq_one_letter_code
;MASMETSSSCESLGSQPAAARPPSVDSLSSASTSHSENSVHTKSASVVSSDSISTSADNFSPDLRVLRESNKLAEMEEPP
LLPGENIKDMAKDVTYICPFTGAVRGTLTVTNYRLYFKSMERDPPFVLDASLGVINRVEKIGGASSRGENSYGLETVCKD
IRNLRFAHKPEGRTRRSIFENLMKYAFPVSNNLPLFAFEYKEVFPENGWKLYDPLLEYRRQGIPNESWRITKINERYELC
DTYPALLVVPANIPDEELKRVASFRSRGRIPVLSWIHPESQATITRCSQPMVGVSGKRSKEDEKYLQAIMDSNAQSHKIF
IFDARPSVNAVANKAKGGGYESEDAYQNAELVFLDIHNIHVMRESLRKLKEIVYPNIEETHWLSNLESTHWLEHIKLILA
GALRIADKVESGKTSVVVHSSDGWDRTAQLTSLAMLMLDGYYRTIRGFEVLVEKEWLSFGHRFQLRVGHGDKNHADADRS
PVFLQFIDCVWQMTRQFPTAFEFNEYFLITILDHLYSCLFGTFLCNSEQQRGKENLPKRTVSLWSYINSQLEDFTNPLYG
SYSNHVLYPVASMRHLELWVGYYIRWNPRMKPQEPIHNRYKELLAKRAELQKKVEELQREISNRSTSSSERASSPAQCVT
PVQTVVAAALEHHHHHH
;
_entity_poly.pdbx_strand_id   A,B
#
loop_
_chem_comp.id
_chem_comp.type
_chem_comp.name
_chem_comp.formula
PO4 non-polymer 'PHOSPHATE ION' 'O4 P -3'
#
# COMPACT_ATOMS: atom_id res chain seq x y z
N GLU A 77 -37.05 11.24 10.66
CA GLU A 77 -37.03 11.84 12.02
C GLU A 77 -36.48 13.27 12.01
N GLU A 78 -36.69 13.98 13.11
CA GLU A 78 -36.24 15.36 13.25
C GLU A 78 -34.72 15.43 13.42
N PRO A 79 -34.13 16.52 12.93
CA PRO A 79 -32.68 16.75 13.05
C PRO A 79 -32.33 17.60 14.29
N PRO A 80 -31.18 17.34 14.89
CA PRO A 80 -30.79 18.18 16.02
C PRO A 80 -30.31 19.57 15.59
N LEU A 81 -30.69 20.59 16.27
CA LEU A 81 -30.30 21.93 15.82
C LEU A 81 -29.18 22.52 16.68
N LEU A 82 -28.55 23.53 16.13
CA LEU A 82 -27.48 24.27 16.79
C LEU A 82 -27.89 25.72 17.08
N PRO A 83 -27.23 26.38 17.98
CA PRO A 83 -27.58 27.78 18.27
C PRO A 83 -27.54 28.66 17.02
N GLY A 84 -28.72 28.91 16.45
CA GLY A 84 -28.82 29.73 15.25
C GLY A 84 -29.38 28.93 14.08
N GLU A 85 -29.43 27.61 14.25
CA GLU A 85 -29.93 26.76 13.19
C GLU A 85 -31.40 26.42 13.35
N ASN A 86 -32.19 26.84 12.39
CA ASN A 86 -33.63 26.57 12.38
C ASN A 86 -34.06 25.94 11.06
N ILE A 87 -35.06 25.08 11.10
CA ILE A 87 -35.54 24.34 9.94
C ILE A 87 -36.10 25.31 8.89
N LYS A 88 -35.75 25.04 7.62
CA LYS A 88 -36.21 25.86 6.50
C LYS A 88 -37.17 25.07 5.62
N ASP A 89 -37.20 23.75 5.78
CA ASP A 89 -38.16 22.97 5.05
C ASP A 89 -38.02 21.51 5.47
N MET A 90 -39.06 20.76 5.28
CA MET A 90 -39.04 19.35 5.62
C MET A 90 -40.02 18.60 4.73
N ALA A 91 -39.67 17.38 4.51
CA ALA A 91 -40.44 16.47 3.69
C ALA A 91 -40.26 15.07 4.24
N LYS A 92 -41.38 14.41 4.43
CA LYS A 92 -41.41 13.07 4.99
C LYS A 92 -41.71 12.02 3.93
N ASP A 93 -41.25 10.77 4.16
CA ASP A 93 -41.49 9.60 3.37
C ASP A 93 -40.69 9.64 2.08
N VAL A 94 -39.54 10.39 2.16
CA VAL A 94 -38.59 10.62 1.07
C VAL A 94 -37.68 9.40 1.08
N THR A 95 -37.16 9.01 -0.09
CA THR A 95 -36.32 7.82 -0.16
C THR A 95 -34.92 8.18 -0.64
N TYR A 96 -33.90 7.82 0.17
CA TYR A 96 -32.52 8.05 -0.20
C TYR A 96 -32.01 6.73 -0.75
N ILE A 97 -31.36 6.78 -1.90
CA ILE A 97 -30.83 5.58 -2.52
C ILE A 97 -29.36 5.40 -2.12
N CYS A 98 -29.13 4.53 -1.15
CA CYS A 98 -27.78 4.25 -0.68
C CYS A 98 -27.10 3.21 -1.56
N PRO A 99 -26.01 3.60 -2.23
CA PRO A 99 -25.30 2.68 -3.12
C PRO A 99 -24.67 1.49 -2.37
N PHE A 100 -24.89 1.44 -1.07
CA PHE A 100 -24.23 0.41 -0.27
C PHE A 100 -25.27 -0.45 0.44
N THR A 101 -26.46 0.00 0.76
CA THR A 101 -27.41 -0.84 1.47
C THR A 101 -28.77 -0.81 0.77
N GLY A 102 -28.99 0.03 -0.22
CA GLY A 102 -30.27 0.08 -0.90
C GLY A 102 -31.12 1.26 -0.47
N ALA A 103 -32.33 1.34 -1.01
CA ALA A 103 -33.25 2.43 -0.69
C ALA A 103 -33.71 2.38 0.76
N VAL A 104 -33.88 3.53 1.33
CA VAL A 104 -34.35 3.72 2.70
C VAL A 104 -35.22 4.97 2.81
N ARG A 105 -36.48 4.77 3.11
CA ARG A 105 -37.44 5.87 3.20
C ARG A 105 -37.40 6.53 4.57
N GLY A 106 -37.49 7.86 4.58
CA GLY A 106 -37.44 8.60 5.83
C GLY A 106 -37.70 10.06 5.57
N THR A 107 -37.30 10.93 6.52
CA THR A 107 -37.56 12.36 6.39
C THR A 107 -36.29 13.11 6.05
N LEU A 108 -36.46 14.13 5.18
CA LEU A 108 -35.36 14.99 4.72
C LEU A 108 -35.57 16.43 5.19
N THR A 109 -34.63 16.95 5.98
CA THR A 109 -34.74 18.30 6.49
C THR A 109 -33.66 19.21 5.92
N VAL A 110 -33.98 20.52 5.77
CA VAL A 110 -32.96 21.43 5.26
C VAL A 110 -32.91 22.71 6.11
N THR A 111 -32.08 22.67 7.17
CA THR A 111 -31.88 23.84 8.01
C THR A 111 -30.91 24.81 7.36
N ASN A 112 -30.71 25.98 8.03
CA ASN A 112 -29.91 27.03 7.39
C ASN A 112 -28.42 26.72 7.55
N TYR A 113 -28.12 25.43 7.81
CA TYR A 113 -26.72 25.03 7.96
C TYR A 113 -26.48 23.63 7.43
N ARG A 114 -27.51 22.72 7.45
CA ARG A 114 -27.21 21.37 7.01
C ARG A 114 -28.42 20.75 6.31
N LEU A 115 -28.09 19.58 5.74
CA LEU A 115 -29.02 18.65 5.11
C LEU A 115 -29.13 17.35 5.91
N TYR A 116 -30.27 17.12 6.49
CA TYR A 116 -30.44 15.98 7.37
C TYR A 116 -31.45 14.98 6.80
N PHE A 117 -31.14 13.71 6.93
CA PHE A 117 -32.01 12.63 6.50
C PHE A 117 -31.98 11.44 7.46
N LYS A 118 -33.08 11.16 8.10
CA LYS A 118 -33.15 10.05 9.03
C LYS A 118 -34.35 9.16 8.73
N SER A 119 -34.15 7.86 8.89
CA SER A 119 -35.20 6.88 8.64
C SER A 119 -35.29 5.87 9.78
N MET A 120 -36.49 5.62 10.25
CA MET A 120 -36.69 4.64 11.32
C MET A 120 -37.07 3.28 10.76
N GLU A 121 -36.77 3.09 9.47
CA GLU A 121 -37.04 1.83 8.81
C GLU A 121 -35.85 0.89 8.90
N ARG A 122 -34.84 1.30 9.62
CA ARG A 122 -33.68 0.49 9.92
C ARG A 122 -33.45 0.35 11.42
N ASP A 123 -33.02 -0.83 11.96
CA ASP A 123 -32.86 -1.05 13.37
C ASP A 123 -31.95 0.00 13.99
N PRO A 124 -30.63 0.06 13.69
CA PRO A 124 -29.96 1.31 14.03
C PRO A 124 -30.45 2.44 13.14
N PRO A 125 -30.89 3.60 13.66
CA PRO A 125 -31.44 4.67 12.82
C PRO A 125 -30.44 5.15 11.76
N PHE A 126 -30.90 5.03 10.52
CA PHE A 126 -30.14 5.45 9.31
C PHE A 126 -30.13 6.97 9.20
N VAL A 127 -29.02 7.55 9.62
CA VAL A 127 -28.89 8.99 9.67
C VAL A 127 -27.88 9.48 8.64
N LEU A 128 -28.33 10.39 7.83
CA LEU A 128 -27.50 11.11 6.85
C LEU A 128 -27.47 12.60 7.15
N ASP A 129 -26.37 13.09 7.68
CA ASP A 129 -26.32 14.47 8.10
C ASP A 129 -25.12 15.18 7.50
N ALA A 130 -25.37 16.01 6.45
CA ALA A 130 -24.29 16.71 5.76
C ALA A 130 -24.54 18.22 5.75
N SER A 131 -23.46 18.97 6.02
CA SER A 131 -23.56 20.42 5.97
C SER A 131 -23.80 20.91 4.55
N LEU A 132 -24.47 22.01 4.38
CA LEU A 132 -24.84 22.54 3.06
C LEU A 132 -23.62 23.07 2.30
N GLY A 133 -22.60 23.54 2.99
CA GLY A 133 -21.41 24.08 2.34
C GLY A 133 -20.69 23.04 1.51
N VAL A 134 -21.01 21.77 1.77
CA VAL A 134 -20.40 20.67 1.04
C VAL A 134 -21.05 20.44 -0.33
N ILE A 135 -22.29 20.91 -0.47
CA ILE A 135 -23.02 20.74 -1.72
C ILE A 135 -22.39 21.61 -2.82
N ASN A 136 -21.99 20.96 -3.90
CA ASN A 136 -21.35 21.65 -5.00
C ASN A 136 -22.38 22.07 -6.05
N ARG A 137 -23.24 21.23 -6.44
CA ARG A 137 -24.39 21.51 -7.28
C ARG A 137 -25.58 20.66 -6.86
N VAL A 138 -26.77 21.12 -7.22
CA VAL A 138 -28.00 20.35 -7.15
C VAL A 138 -28.58 20.11 -8.54
N GLU A 139 -28.96 18.89 -8.83
CA GLU A 139 -29.51 18.56 -10.14
C GLU A 139 -30.78 17.72 -10.00
N LYS A 140 -31.74 17.98 -10.86
CA LYS A 140 -32.98 17.22 -10.84
C LYS A 140 -32.85 15.96 -11.68
N ILE A 141 -33.52 14.88 -11.30
CA ILE A 141 -33.42 13.62 -12.03
C ILE A 141 -34.84 13.11 -12.36
N GLY A 142 -35.04 12.77 -13.64
CA GLY A 142 -36.33 12.26 -14.08
C GLY A 142 -36.99 13.15 -15.12
N GLY A 143 -37.32 14.38 -14.72
CA GLY A 143 -37.95 15.30 -15.63
C GLY A 143 -39.09 16.06 -14.99
N ALA A 144 -40.29 15.92 -15.55
CA ALA A 144 -41.47 16.60 -15.03
C ALA A 144 -42.60 15.60 -14.77
N SER A 145 -43.45 15.92 -13.80
CA SER A 145 -44.57 15.06 -13.44
C SER A 145 -44.10 13.66 -13.06
N SER A 146 -44.15 12.74 -14.02
CA SER A 146 -43.72 11.36 -13.79
C SER A 146 -43.41 10.66 -15.10
N ARG A 147 -42.62 11.30 -15.95
CA ARG A 147 -42.23 10.74 -17.24
C ARG A 147 -41.01 9.84 -17.11
N GLY A 148 -40.18 10.13 -16.10
CA GLY A 148 -38.98 9.34 -15.89
C GLY A 148 -39.27 7.88 -15.60
N GLU A 149 -38.32 7.01 -15.93
CA GLU A 149 -38.49 5.58 -15.71
C GLU A 149 -38.19 5.23 -14.25
N ASN A 150 -39.19 5.37 -13.40
CA ASN A 150 -39.05 5.07 -11.97
C ASN A 150 -37.86 5.83 -11.37
N SER A 151 -37.89 7.16 -11.51
CA SER A 151 -36.83 8.00 -10.96
C SER A 151 -37.26 9.45 -10.90
N TYR A 152 -38.26 9.74 -10.05
CA TYR A 152 -38.50 11.13 -9.71
C TYR A 152 -37.83 11.51 -8.39
N GLY A 153 -36.56 12.02 -8.60
CA GLY A 153 -35.83 12.56 -7.46
C GLY A 153 -34.79 13.59 -7.84
N LEU A 154 -34.02 14.01 -6.86
CA LEU A 154 -32.95 14.98 -7.08
C LEU A 154 -31.61 14.44 -6.59
N GLU A 155 -30.52 15.10 -6.94
CA GLU A 155 -29.22 14.60 -6.53
C GLU A 155 -28.28 15.74 -6.17
N THR A 156 -27.50 15.53 -5.09
CA THR A 156 -26.53 16.52 -4.65
C THR A 156 -25.12 16.02 -4.82
N VAL A 157 -24.36 16.76 -5.61
CA VAL A 157 -22.94 16.46 -5.79
C VAL A 157 -22.10 17.14 -4.72
N CYS A 158 -21.43 16.38 -3.89
CA CYS A 158 -20.75 16.95 -2.73
C CYS A 158 -19.25 17.05 -2.96
N LYS A 159 -18.67 18.05 -2.23
CA LYS A 159 -17.25 18.31 -2.27
C LYS A 159 -16.39 17.26 -1.61
N ASP A 160 -16.96 16.49 -0.75
CA ASP A 160 -16.18 15.45 -0.07
C ASP A 160 -16.47 14.08 -0.69
N ILE A 161 -16.35 14.05 -2.01
CA ILE A 161 -16.54 12.83 -2.84
C ILE A 161 -17.72 11.98 -2.36
N ARG A 162 -18.87 12.64 -1.93
CA ARG A 162 -20.09 11.85 -2.01
C ARG A 162 -21.04 12.44 -3.04
N ASN A 163 -21.96 11.70 -3.43
CA ASN A 163 -23.04 12.25 -4.21
C ASN A 163 -24.25 11.63 -3.57
N LEU A 164 -25.21 12.44 -3.28
CA LEU A 164 -26.42 11.96 -2.63
C LEU A 164 -27.63 12.08 -3.55
N ARG A 165 -28.29 10.97 -3.82
CA ARG A 165 -29.45 10.96 -4.69
C ARG A 165 -30.73 10.58 -3.93
N PHE A 166 -31.80 11.39 -4.10
CA PHE A 166 -33.03 11.12 -3.37
C PHE A 166 -34.18 10.90 -4.34
N ALA A 167 -35.20 10.13 -3.85
CA ALA A 167 -36.38 9.81 -4.62
C ALA A 167 -37.61 10.50 -4.06
N HIS A 168 -38.61 10.76 -4.93
CA HIS A 168 -39.83 11.45 -4.51
C HIS A 168 -41.06 10.78 -5.10
N LYS A 169 -42.16 10.78 -4.31
CA LYS A 169 -43.43 10.19 -4.70
C LYS A 169 -44.00 10.87 -5.94
N PRO A 170 -44.90 10.14 -6.66
CA PRO A 170 -45.54 10.74 -7.83
C PRO A 170 -46.38 11.98 -7.45
N GLU A 171 -47.10 11.79 -6.35
CA GLU A 171 -47.89 12.86 -5.75
C GLU A 171 -47.09 13.59 -4.68
N GLY A 172 -46.62 14.78 -5.02
CA GLY A 172 -45.81 15.53 -4.07
C GLY A 172 -45.02 16.69 -4.64
N ARG A 173 -45.03 17.78 -3.89
CA ARG A 173 -44.27 18.97 -4.22
C ARG A 173 -42.91 18.96 -3.55
N THR A 174 -42.76 18.01 -2.60
CA THR A 174 -41.53 17.85 -1.85
C THR A 174 -40.33 17.79 -2.79
N ARG A 175 -40.56 17.35 -4.02
CA ARG A 175 -39.51 17.24 -5.00
C ARG A 175 -39.00 18.63 -5.37
N ARG A 176 -39.92 19.58 -5.53
CA ARG A 176 -39.58 20.95 -5.91
C ARG A 176 -39.31 21.82 -4.69
N SER A 177 -39.90 21.51 -3.56
CA SER A 177 -39.70 22.30 -2.35
C SER A 177 -38.28 22.13 -1.80
N ILE A 178 -37.86 20.88 -1.76
CA ILE A 178 -36.50 20.59 -1.29
C ILE A 178 -35.44 21.17 -2.24
N PHE A 179 -35.57 20.79 -3.52
CA PHE A 179 -34.66 21.33 -4.52
C PHE A 179 -34.46 22.83 -4.37
N GLU A 180 -35.56 23.57 -4.38
CA GLU A 180 -35.54 25.02 -4.30
C GLU A 180 -34.98 25.50 -2.96
N ASN A 181 -35.08 24.74 -1.88
CA ASN A 181 -34.56 25.18 -0.59
C ASN A 181 -33.08 24.87 -0.45
N LEU A 182 -32.68 23.75 -1.04
CA LEU A 182 -31.25 23.44 -1.08
C LEU A 182 -30.48 24.47 -1.92
N MET A 183 -31.07 24.66 -3.12
CA MET A 183 -30.45 25.55 -4.11
C MET A 183 -30.51 27.01 -3.66
N LYS A 184 -31.05 27.19 -2.40
CA LYS A 184 -31.07 28.52 -1.83
C LYS A 184 -30.15 28.61 -0.61
N TYR A 185 -30.22 27.68 0.32
CA TYR A 185 -29.40 27.75 1.51
C TYR A 185 -27.99 27.16 1.36
N ALA A 186 -27.84 26.17 0.48
CA ALA A 186 -26.51 25.65 0.25
C ALA A 186 -25.64 26.65 -0.50
N PHE A 187 -26.34 27.68 -1.03
CA PHE A 187 -25.64 28.72 -1.74
C PHE A 187 -26.17 30.09 -1.29
N PRO A 188 -25.82 30.47 -0.07
CA PRO A 188 -26.26 31.70 0.59
C PRO A 188 -25.77 32.96 -0.14
N VAL A 189 -24.47 33.11 -0.40
CA VAL A 189 -23.95 34.37 -1.03
C VAL A 189 -24.48 34.57 -2.44
N SER A 190 -24.90 33.54 -3.13
CA SER A 190 -25.44 33.67 -4.48
C SER A 190 -26.89 34.14 -4.44
N ASN A 191 -27.53 34.06 -3.26
CA ASN A 191 -28.88 34.54 -3.00
C ASN A 191 -28.88 35.61 -1.93
N ASN A 192 -27.83 36.39 -1.87
CA ASN A 192 -27.66 37.50 -0.93
C ASN A 192 -28.14 37.10 0.46
N LEU A 193 -27.94 35.81 0.80
CA LEU A 193 -28.09 35.29 2.16
C LEU A 193 -26.74 35.17 2.87
N PRO A 194 -26.72 35.24 4.20
CA PRO A 194 -25.47 35.15 4.96
C PRO A 194 -25.01 33.70 5.17
N LEU A 195 -23.68 33.51 5.14
CA LEU A 195 -23.16 32.18 5.45
C LEU A 195 -23.45 31.77 6.90
N PHE A 196 -23.68 30.55 7.20
CA PHE A 196 -24.08 30.18 8.54
C PHE A 196 -23.14 30.72 9.61
N ALA A 197 -21.84 30.70 9.38
CA ALA A 197 -20.89 31.17 10.36
C ALA A 197 -21.38 32.43 11.07
N PHE A 198 -22.13 33.28 10.37
CA PHE A 198 -22.58 34.53 10.98
C PHE A 198 -23.84 34.30 11.81
N GLU A 199 -24.45 33.13 11.78
CA GLU A 199 -25.65 32.82 12.55
C GLU A 199 -25.32 31.95 13.76
N TYR A 200 -24.30 31.10 13.62
CA TYR A 200 -23.88 30.25 14.72
C TYR A 200 -23.71 31.05 16.01
N LYS A 201 -24.43 30.77 17.14
CA LYS A 201 -24.32 31.52 18.38
C LYS A 201 -23.67 30.68 19.47
N GLU A 202 -23.14 29.51 19.27
CA GLU A 202 -22.57 28.67 20.31
C GLU A 202 -21.27 29.25 20.84
N VAL A 203 -21.09 29.14 22.20
CA VAL A 203 -19.98 29.81 22.88
C VAL A 203 -18.91 28.81 23.32
N PHE A 204 -17.69 29.27 23.47
CA PHE A 204 -16.61 28.39 23.87
C PHE A 204 -15.72 29.05 24.91
N PRO A 205 -15.01 28.24 25.72
CA PRO A 205 -14.12 28.68 26.81
C PRO A 205 -12.82 29.30 26.30
N GLU A 206 -12.52 29.15 25.05
CA GLU A 206 -11.30 29.74 24.51
C GLU A 206 -11.56 30.39 23.16
N ASN A 207 -10.96 31.54 22.92
CA ASN A 207 -11.19 32.20 21.65
C ASN A 207 -10.11 31.85 20.65
N GLY A 208 -10.47 31.02 19.67
CA GLY A 208 -9.54 30.59 18.64
C GLY A 208 -8.91 31.73 17.87
N TRP A 209 -9.62 32.84 17.76
CA TRP A 209 -9.10 33.98 17.04
C TRP A 209 -7.87 34.58 17.70
N LYS A 210 -7.63 34.24 18.96
CA LYS A 210 -6.48 34.83 19.63
C LYS A 210 -5.34 33.83 19.74
N LEU A 211 -5.45 32.68 19.11
CA LEU A 211 -4.45 31.61 19.16
C LEU A 211 -3.14 32.05 18.52
N TYR A 212 -3.16 32.57 17.30
CA TYR A 212 -1.93 32.96 16.61
C TYR A 212 -1.55 34.40 16.88
N ASP A 213 -0.38 34.60 17.45
CA ASP A 213 0.16 35.91 17.71
C ASP A 213 1.46 36.12 16.96
N PRO A 214 1.43 36.86 15.86
CA PRO A 214 2.61 37.10 15.02
C PRO A 214 3.87 37.40 15.85
N LEU A 215 3.79 38.39 16.72
CA LEU A 215 4.91 38.77 17.57
C LEU A 215 5.43 37.64 18.46
N LEU A 216 4.52 36.89 19.08
CA LEU A 216 4.93 35.78 19.95
C LEU A 216 5.55 34.63 19.14
N GLU A 217 5.00 34.35 17.96
CA GLU A 217 5.55 33.29 17.13
C GLU A 217 6.96 33.62 16.67
N TYR A 218 7.13 34.85 16.20
CA TYR A 218 8.46 35.27 15.78
C TYR A 218 9.44 35.21 16.94
N ARG A 219 8.97 35.64 18.12
CA ARG A 219 9.82 35.53 19.29
C ARG A 219 10.19 34.10 19.59
N ARG A 220 9.21 33.20 19.41
CA ARG A 220 9.47 31.80 19.65
C ARG A 220 10.61 31.35 18.75
N GLN A 221 10.80 32.05 17.63
CA GLN A 221 11.82 31.67 16.68
C GLN A 221 13.11 32.46 16.90
N GLY A 222 13.08 33.50 17.71
CA GLY A 222 14.27 34.28 17.95
C GLY A 222 14.23 35.61 17.23
N ILE A 223 13.22 35.81 16.43
CA ILE A 223 13.07 37.10 15.74
C ILE A 223 13.08 38.17 16.60
N PRO A 224 12.83 39.34 16.19
CA PRO A 224 13.97 40.23 15.97
C PRO A 224 15.26 39.69 16.58
N ASN A 225 16.25 39.69 15.71
CA ASN A 225 17.64 39.43 16.11
C ASN A 225 18.53 40.04 15.02
N GLU A 226 19.63 40.58 15.50
CA GLU A 226 20.64 41.32 14.71
C GLU A 226 20.54 41.16 13.18
N SER A 227 20.14 39.99 12.70
CA SER A 227 20.06 39.75 11.24
C SER A 227 18.69 40.15 10.69
N TRP A 228 17.61 39.79 11.38
CA TRP A 228 16.26 40.10 10.92
C TRP A 228 15.47 41.04 11.82
N ARG A 229 14.82 42.00 11.21
CA ARG A 229 13.98 42.92 11.95
C ARG A 229 12.52 42.76 11.56
N ILE A 230 11.64 43.41 12.24
CA ILE A 230 10.22 43.36 11.91
C ILE A 230 9.75 44.74 11.42
N THR A 231 9.21 44.78 10.24
CA THR A 231 8.75 46.05 9.71
C THR A 231 7.23 46.16 9.83
N LYS A 232 6.75 47.36 9.97
CA LYS A 232 5.33 47.64 10.05
C LYS A 232 4.84 48.35 8.81
N ILE A 233 5.74 48.34 7.81
CA ILE A 233 5.43 48.98 6.54
C ILE A 233 4.11 48.48 5.97
N ASN A 234 3.69 47.27 6.34
CA ASN A 234 2.45 46.71 5.83
C ASN A 234 1.29 46.63 6.83
N GLU A 235 1.30 47.44 7.89
CA GLU A 235 0.25 47.38 8.89
C GLU A 235 -1.11 47.76 8.30
N ARG A 236 -1.12 48.65 7.32
CA ARG A 236 -2.37 49.03 6.68
C ARG A 236 -2.44 48.33 5.33
N TYR A 237 -1.60 47.38 5.09
CA TYR A 237 -1.50 46.57 3.88
C TYR A 237 -1.32 47.45 2.65
N GLU A 238 -0.39 48.46 2.73
CA GLU A 238 -0.06 49.30 1.59
C GLU A 238 1.01 48.64 0.72
N LEU A 239 1.98 47.98 1.29
CA LEU A 239 3.08 47.37 0.52
C LEU A 239 2.55 46.20 -0.33
N CYS A 240 1.82 45.37 0.29
CA CYS A 240 1.20 44.19 -0.32
C CYS A 240 -0.10 43.85 0.39
N ASP A 241 -1.23 43.80 -0.29
CA ASP A 241 -2.48 43.66 0.43
C ASP A 241 -2.96 42.22 0.57
N THR A 242 -2.12 41.27 0.22
CA THR A 242 -2.48 39.85 0.39
C THR A 242 -1.54 39.22 1.41
N TYR A 243 -0.75 40.09 2.03
CA TYR A 243 0.24 39.69 3.04
C TYR A 243 -0.21 40.10 4.44
N PRO A 244 0.39 39.52 5.48
CA PRO A 244 0.03 39.87 6.85
C PRO A 244 0.43 41.32 7.21
N ALA A 245 -0.16 41.87 8.26
CA ALA A 245 0.15 43.23 8.67
C ALA A 245 1.62 43.37 9.03
N LEU A 246 2.16 42.38 9.73
CA LEU A 246 3.58 42.40 10.10
C LEU A 246 4.42 41.54 9.14
N LEU A 247 5.57 42.02 8.83
CA LEU A 247 6.48 41.30 7.93
C LEU A 247 7.91 41.28 8.47
N VAL A 248 8.53 40.13 8.48
CA VAL A 248 9.91 40.00 8.94
C VAL A 248 10.88 40.01 7.77
N VAL A 249 11.83 40.96 7.77
CA VAL A 249 12.79 41.08 6.68
C VAL A 249 14.19 41.40 7.21
N PRO A 250 15.25 41.23 6.37
CA PRO A 250 16.64 41.49 6.76
C PRO A 250 16.84 42.88 7.37
N ALA A 251 17.53 42.97 8.50
CA ALA A 251 17.70 44.19 9.28
C ALA A 251 18.36 45.28 8.46
N ASN A 252 19.21 45.00 7.50
CA ASN A 252 19.88 46.05 6.73
C ASN A 252 19.07 46.62 5.56
N ILE A 253 17.86 46.13 5.37
CA ILE A 253 17.01 46.64 4.29
C ILE A 253 15.91 47.56 4.83
N PRO A 254 15.95 48.85 4.46
CA PRO A 254 14.99 49.89 4.89
C PRO A 254 13.61 49.71 4.27
N ASP A 255 12.63 50.46 4.79
CA ASP A 255 11.27 50.38 4.28
C ASP A 255 11.11 50.94 2.89
N GLU A 256 11.92 51.95 2.55
CA GLU A 256 11.84 52.55 1.22
C GLU A 256 12.37 51.58 0.16
N GLU A 257 13.17 50.62 0.61
CA GLU A 257 13.72 49.60 -0.27
C GLU A 257 12.71 48.50 -0.55
N LEU A 258 11.89 48.20 0.46
CA LEU A 258 10.86 47.18 0.31
C LEU A 258 9.83 47.58 -0.75
N LYS A 259 9.60 48.89 -0.89
CA LYS A 259 8.67 49.37 -1.90
C LYS A 259 9.19 49.02 -3.30
N ARG A 260 10.43 49.37 -3.59
CA ARG A 260 11.01 49.08 -4.88
C ARG A 260 10.94 47.58 -5.16
N VAL A 261 11.42 46.77 -4.22
CA VAL A 261 11.39 45.32 -4.37
C VAL A 261 9.96 44.83 -4.58
N ALA A 262 9.02 45.49 -3.93
CA ALA A 262 7.63 45.11 -4.09
C ALA A 262 7.13 45.37 -5.51
N SER A 263 7.81 46.28 -6.20
CA SER A 263 7.43 46.61 -7.58
C SER A 263 7.88 45.54 -8.55
N PHE A 264 8.84 44.73 -8.12
CA PHE A 264 9.37 43.68 -8.97
C PHE A 264 8.70 42.34 -8.70
N ARG A 265 8.24 42.13 -7.47
CA ARG A 265 7.59 40.87 -7.12
C ARG A 265 6.10 40.93 -7.40
N SER A 266 5.58 39.89 -8.04
CA SER A 266 4.17 39.83 -8.37
C SER A 266 3.26 40.08 -7.19
N ARG A 267 2.42 41.06 -7.32
CA ARG A 267 1.38 41.38 -6.35
C ARG A 267 1.98 41.82 -5.03
N GLY A 268 3.26 42.35 -5.19
CA GLY A 268 3.96 42.91 -4.06
C GLY A 268 4.33 41.91 -3.00
N ARG A 269 4.42 40.58 -3.35
CA ARG A 269 4.88 39.58 -2.40
C ARG A 269 6.40 39.44 -2.42
N ILE A 270 7.04 40.39 -1.77
CA ILE A 270 8.50 40.49 -1.68
C ILE A 270 9.06 39.56 -0.61
N PRO A 271 10.03 38.66 -0.94
CA PRO A 271 10.45 37.60 -0.02
C PRO A 271 10.43 38.05 1.43
N VAL A 272 9.92 37.25 2.26
CA VAL A 272 9.81 37.57 3.67
C VAL A 272 9.99 36.34 4.54
N LEU A 273 10.48 36.47 5.71
CA LEU A 273 10.77 35.30 6.53
C LEU A 273 9.60 34.45 6.98
N SER A 274 9.65 33.19 6.72
CA SER A 274 8.75 32.20 7.29
C SER A 274 9.38 31.53 8.50
N TRP A 275 10.52 30.89 8.36
CA TRP A 275 11.17 30.12 9.42
C TRP A 275 12.67 30.36 9.45
N ILE A 276 13.22 30.32 10.64
CA ILE A 276 14.65 30.46 10.85
C ILE A 276 15.20 29.33 11.71
N HIS A 277 16.28 28.74 11.29
CA HIS A 277 16.84 27.66 12.07
C HIS A 277 17.51 28.10 13.37
N PRO A 278 17.24 27.43 14.47
CA PRO A 278 17.80 27.80 15.78
C PRO A 278 19.31 27.92 15.76
N GLU A 279 19.96 26.84 15.36
CA GLU A 279 21.43 26.73 15.33
C GLU A 279 22.07 27.51 14.16
N SER A 280 21.83 26.98 12.97
CA SER A 280 22.45 27.46 11.72
C SER A 280 22.03 28.88 11.31
N GLN A 281 20.81 29.25 11.60
CA GLN A 281 20.29 30.57 11.22
C GLN A 281 19.88 30.55 9.75
N ALA A 282 19.83 29.35 9.21
CA ALA A 282 19.41 29.16 7.83
C ALA A 282 17.94 29.53 7.73
N THR A 283 17.54 30.22 6.73
CA THR A 283 16.15 30.67 6.69
C THR A 283 15.30 30.22 5.53
N ILE A 284 14.01 30.17 5.77
CA ILE A 284 13.03 29.89 4.73
C ILE A 284 12.19 31.14 4.44
N THR A 285 12.36 31.71 3.30
CA THR A 285 11.58 32.88 2.93
C THR A 285 10.64 32.53 1.79
N ARG A 286 9.55 33.25 1.67
CA ARG A 286 8.56 32.99 0.65
C ARG A 286 8.17 34.27 -0.08
N CYS A 287 7.86 34.21 -1.29
CA CYS A 287 7.47 35.34 -2.13
C CYS A 287 6.92 34.86 -3.47
N SER A 288 6.47 35.80 -4.25
CA SER A 288 5.89 35.47 -5.56
C SER A 288 6.96 35.44 -6.63
N GLN A 289 6.64 35.17 -7.86
CA GLN A 289 7.65 35.12 -8.92
C GLN A 289 8.16 36.50 -9.27
N PRO A 290 9.39 36.62 -9.80
CA PRO A 290 9.93 37.90 -10.19
C PRO A 290 9.27 38.35 -11.45
N MET A 291 9.00 39.62 -11.55
CA MET A 291 8.50 40.16 -12.81
C MET A 291 9.71 40.38 -13.71
N VAL A 292 9.92 39.42 -14.61
CA VAL A 292 11.06 39.48 -15.56
C VAL A 292 10.56 39.80 -16.97
N GLY A 293 9.48 39.16 -17.36
CA GLY A 293 8.85 39.42 -18.68
C GLY A 293 9.65 38.86 -19.83
N VAL A 294 9.15 39.04 -21.04
CA VAL A 294 9.80 38.54 -22.25
C VAL A 294 11.10 39.29 -22.54
N SER A 295 11.13 40.59 -22.24
CA SER A 295 12.30 41.41 -22.50
C SER A 295 13.41 41.12 -21.49
N GLY A 296 13.17 40.16 -20.59
CA GLY A 296 14.15 39.80 -19.60
C GLY A 296 14.58 40.96 -18.71
N LYS A 297 13.64 41.75 -18.20
CA LYS A 297 13.96 42.87 -17.34
C LYS A 297 14.43 42.38 -15.98
N ARG A 298 15.21 43.21 -15.27
CA ARG A 298 15.72 42.85 -13.95
C ARG A 298 15.84 44.05 -13.03
N SER A 299 15.94 43.79 -11.72
CA SER A 299 16.05 44.89 -10.76
C SER A 299 17.20 44.64 -9.78
N LYS A 300 17.91 45.72 -9.46
CA LYS A 300 19.02 45.65 -8.53
C LYS A 300 18.49 45.49 -7.11
N GLU A 301 17.37 46.16 -6.83
CA GLU A 301 16.76 46.04 -5.50
C GLU A 301 16.51 44.59 -5.14
N ASP A 302 15.73 43.91 -5.99
CA ASP A 302 15.42 42.53 -5.77
C ASP A 302 16.67 41.69 -5.67
N GLU A 303 17.62 41.88 -6.58
CA GLU A 303 18.86 41.13 -6.60
C GLU A 303 19.66 41.34 -5.32
N LYS A 304 19.75 42.57 -4.84
CA LYS A 304 20.50 42.85 -3.62
C LYS A 304 19.72 42.36 -2.40
N TYR A 305 18.40 42.44 -2.49
CA TYR A 305 17.55 42.01 -1.41
C TYR A 305 17.80 40.51 -1.18
N LEU A 306 17.80 39.76 -2.28
CA LEU A 306 18.08 38.33 -2.17
C LEU A 306 19.47 38.07 -1.57
N GLN A 307 20.39 38.99 -1.89
CA GLN A 307 21.75 38.89 -1.37
C GLN A 307 21.75 39.20 0.13
N ALA A 308 20.98 40.21 0.53
CA ALA A 308 20.88 40.54 1.94
C ALA A 308 20.39 39.35 2.76
N ILE A 309 19.52 38.56 2.12
CA ILE A 309 19.02 37.35 2.78
C ILE A 309 20.18 36.37 3.03
N MET A 310 20.97 36.13 1.97
CA MET A 310 22.11 35.23 2.09
C MET A 310 23.15 35.77 3.06
N ASP A 311 23.31 37.10 3.17
CA ASP A 311 24.26 37.68 4.06
C ASP A 311 23.84 37.50 5.51
N SER A 312 22.54 37.34 5.76
CA SER A 312 22.02 37.16 7.10
C SER A 312 22.32 35.76 7.63
N ASN A 313 22.54 34.82 6.64
CA ASN A 313 23.20 33.61 7.10
C ASN A 313 24.70 33.69 6.87
N ALA A 314 25.47 33.95 7.92
CA ALA A 314 26.84 34.39 7.75
C ALA A 314 27.71 33.29 7.16
N GLN A 315 27.58 32.06 7.72
CA GLN A 315 28.49 30.97 7.39
C GLN A 315 28.06 30.24 6.13
N SER A 316 27.12 30.71 5.35
CA SER A 316 26.69 30.00 4.14
C SER A 316 27.35 30.58 2.90
N HIS A 317 27.53 29.77 1.91
CA HIS A 317 28.12 30.19 0.65
C HIS A 317 27.24 30.25 -0.58
N LYS A 318 25.90 30.20 -0.29
CA LYS A 318 24.94 30.18 -1.37
C LYS A 318 23.55 30.56 -0.87
N ILE A 319 22.62 30.45 -1.81
CA ILE A 319 21.20 30.54 -1.50
C ILE A 319 20.36 29.81 -2.54
N PHE A 320 19.59 28.85 -2.11
CA PHE A 320 18.78 28.10 -3.05
C PHE A 320 17.44 28.79 -3.27
N ILE A 321 16.98 28.73 -4.47
CA ILE A 321 15.67 29.27 -4.81
C ILE A 321 14.78 28.18 -5.42
N PHE A 322 13.86 27.67 -4.64
CA PHE A 322 12.99 26.63 -5.16
C PHE A 322 11.73 27.23 -5.76
N ASP A 323 11.56 26.99 -7.03
CA ASP A 323 10.36 27.37 -7.74
C ASP A 323 9.41 26.19 -7.86
N ALA A 324 8.28 26.23 -7.25
CA ALA A 324 7.38 25.08 -7.20
C ALA A 324 7.02 24.61 -8.61
N ARG A 325 6.85 25.50 -9.57
CA ARG A 325 6.37 25.25 -10.92
C ARG A 325 7.35 24.39 -11.71
N PRO A 326 6.72 23.65 -12.70
CA PRO A 326 7.62 22.95 -13.63
C PRO A 326 8.38 23.91 -14.54
N SER A 327 9.52 23.62 -14.98
CA SER A 327 10.30 24.53 -15.81
C SER A 327 9.50 25.03 -17.00
N VAL A 328 8.78 24.16 -17.71
CA VAL A 328 8.02 24.50 -18.91
C VAL A 328 6.89 25.48 -18.56
N ASN A 329 6.33 25.44 -17.37
CA ASN A 329 5.26 26.34 -17.01
C ASN A 329 5.81 27.68 -16.57
N ALA A 330 6.99 27.67 -15.93
CA ALA A 330 7.60 28.93 -15.53
C ALA A 330 7.94 29.78 -16.75
N VAL A 331 8.40 29.08 -17.80
CA VAL A 331 8.71 29.75 -19.06
C VAL A 331 7.46 30.40 -19.64
N ALA A 332 6.36 29.64 -19.59
CA ALA A 332 5.10 30.20 -20.06
C ALA A 332 4.72 31.44 -19.27
N ASN A 333 4.96 31.44 -17.94
CA ASN A 333 4.64 32.60 -17.13
C ASN A 333 5.50 33.78 -17.52
N LYS A 334 6.76 33.47 -17.80
CA LYS A 334 7.70 34.50 -18.22
C LYS A 334 7.19 35.24 -19.44
N ALA A 335 6.61 34.47 -20.36
CA ALA A 335 6.06 35.05 -21.58
C ALA A 335 4.89 35.98 -21.28
N LYS A 336 4.27 35.84 -20.09
CA LYS A 336 3.11 36.66 -19.74
C LYS A 336 3.48 37.69 -18.69
N GLY A 337 4.74 37.98 -18.45
CA GLY A 337 5.12 38.99 -17.48
C GLY A 337 5.83 38.48 -16.25
N GLY A 338 5.71 37.19 -15.98
CA GLY A 338 6.34 36.62 -14.81
C GLY A 338 7.76 36.15 -15.05
N GLY A 339 8.07 34.95 -14.56
CA GLY A 339 9.40 34.41 -14.75
C GLY A 339 10.08 33.87 -13.50
N TYR A 340 11.41 33.75 -13.59
CA TYR A 340 12.20 33.25 -12.48
C TYR A 340 13.56 33.93 -12.43
N GLU A 341 14.33 33.57 -11.42
CA GLU A 341 15.66 34.13 -11.24
C GLU A 341 16.69 33.39 -12.07
N SER A 342 17.47 34.11 -12.88
CA SER A 342 18.46 33.49 -13.74
C SER A 342 19.79 33.33 -13.02
N GLU A 343 20.61 32.40 -13.54
CA GLU A 343 21.92 32.10 -12.99
C GLU A 343 22.87 33.30 -13.06
N ASP A 344 22.60 34.26 -13.97
CA ASP A 344 23.42 35.40 -14.16
C ASP A 344 22.98 36.57 -13.31
N ALA A 345 21.69 36.87 -13.26
CA ALA A 345 21.15 37.99 -12.51
C ALA A 345 21.31 37.80 -11.02
N TYR A 346 21.15 36.66 -10.54
CA TYR A 346 21.42 36.23 -9.18
C TYR A 346 22.66 35.34 -9.13
N GLN A 347 23.79 35.94 -8.97
CA GLN A 347 25.12 35.36 -8.92
C GLN A 347 25.19 34.20 -7.94
N ASN A 348 24.82 34.32 -6.66
CA ASN A 348 25.07 33.28 -5.68
C ASN A 348 23.82 32.47 -5.43
N ALA A 349 22.92 32.32 -6.37
CA ALA A 349 21.71 31.54 -6.17
C ALA A 349 21.64 30.36 -7.14
N GLU A 350 21.02 29.32 -6.69
CA GLU A 350 20.74 28.13 -7.48
C GLU A 350 19.25 27.84 -7.50
N LEU A 351 18.60 28.11 -8.60
CA LEU A 351 17.16 27.92 -8.69
C LEU A 351 16.82 26.51 -9.17
N VAL A 352 15.97 25.85 -8.45
CA VAL A 352 15.51 24.52 -8.81
C VAL A 352 14.00 24.52 -9.10
N PHE A 353 13.59 23.76 -10.04
CA PHE A 353 12.17 23.62 -10.32
C PHE A 353 11.64 22.33 -9.74
N LEU A 354 10.52 22.35 -9.05
CA LEU A 354 10.03 21.17 -8.33
C LEU A 354 8.91 20.46 -9.10
N ASP A 355 8.48 20.88 -10.27
CA ASP A 355 7.55 20.24 -11.14
C ASP A 355 6.20 20.05 -10.46
N ILE A 356 5.75 20.95 -9.65
CA ILE A 356 4.42 20.86 -9.05
C ILE A 356 3.41 21.65 -9.90
N HIS A 357 2.35 21.00 -10.35
CA HIS A 357 1.42 21.58 -11.31
C HIS A 357 0.44 22.50 -10.61
N ASN A 358 -0.23 23.38 -11.53
CA ASN A 358 -1.11 24.45 -11.09
C ASN A 358 -2.43 23.90 -10.57
N ILE A 359 -3.30 24.89 -10.09
CA ILE A 359 -4.59 24.62 -9.46
C ILE A 359 -5.51 23.82 -10.38
N HIS A 360 -5.68 24.21 -11.63
CA HIS A 360 -6.57 23.49 -12.55
C HIS A 360 -6.21 22.02 -12.64
N VAL A 361 -4.92 21.70 -12.70
CA VAL A 361 -4.45 20.34 -12.83
C VAL A 361 -4.82 19.51 -11.61
N MET A 362 -4.80 20.10 -10.43
CA MET A 362 -5.12 19.38 -9.21
C MET A 362 -6.62 19.17 -9.06
N ARG A 363 -7.40 20.13 -9.56
CA ARG A 363 -8.85 19.98 -9.51
C ARG A 363 -9.22 18.76 -10.36
N GLU A 364 -8.63 18.67 -11.55
CA GLU A 364 -8.91 17.56 -12.45
C GLU A 364 -8.44 16.24 -11.86
N SER A 365 -7.28 16.30 -11.20
CA SER A 365 -6.76 15.09 -10.59
C SER A 365 -7.72 14.55 -9.53
N LEU A 366 -8.18 15.45 -8.68
CA LEU A 366 -9.13 15.03 -7.64
C LEU A 366 -10.45 14.59 -8.26
N ARG A 367 -10.85 15.25 -9.35
CA ARG A 367 -12.10 14.88 -9.99
C ARG A 367 -12.02 13.46 -10.54
N LYS A 368 -10.89 13.11 -11.14
CA LYS A 368 -10.76 11.76 -11.67
C LYS A 368 -10.77 10.78 -10.51
N LEU A 369 -10.20 11.17 -9.37
CA LEU A 369 -10.11 10.28 -8.21
C LEU A 369 -11.50 9.99 -7.64
N LYS A 370 -12.31 11.03 -7.44
CA LYS A 370 -13.65 10.85 -6.92
C LYS A 370 -14.45 9.87 -7.78
N GLU A 371 -14.17 9.93 -9.07
CA GLU A 371 -14.84 9.15 -10.10
C GLU A 371 -14.58 7.66 -9.90
N ILE A 372 -13.39 7.24 -9.55
CA ILE A 372 -13.09 5.81 -9.42
C ILE A 372 -13.20 5.35 -7.97
N VAL A 373 -13.37 6.29 -7.04
CA VAL A 373 -13.45 5.98 -5.62
C VAL A 373 -14.90 5.88 -5.16
N TYR A 374 -15.81 6.66 -5.70
CA TYR A 374 -17.20 6.64 -5.27
C TYR A 374 -18.17 6.34 -6.41
N PRO A 375 -19.18 5.49 -6.16
CA PRO A 375 -19.44 4.84 -4.86
C PRO A 375 -18.82 3.44 -4.77
N ASN A 376 -18.59 2.79 -5.91
CA ASN A 376 -18.06 1.44 -5.90
C ASN A 376 -16.73 1.38 -6.62
N ILE A 377 -15.76 0.73 -5.97
CA ILE A 377 -14.41 0.61 -6.52
C ILE A 377 -14.29 -0.68 -7.33
N GLU A 378 -13.94 -0.52 -8.61
CA GLU A 378 -13.74 -1.66 -9.50
C GLU A 378 -12.34 -2.24 -9.34
N GLU A 379 -12.23 -3.50 -8.82
CA GLU A 379 -11.00 -4.13 -8.36
C GLU A 379 -9.89 -4.28 -9.45
N THR A 380 -10.25 -4.89 -10.57
CA THR A 380 -9.28 -5.23 -11.66
C THR A 380 -8.40 -4.07 -12.12
N HIS A 381 -8.98 -2.87 -12.28
CA HIS A 381 -8.19 -1.75 -12.80
C HIS A 381 -7.91 -0.75 -11.69
N TRP A 382 -8.14 -1.08 -10.44
CA TRP A 382 -7.88 -0.17 -9.33
C TRP A 382 -6.52 0.51 -9.46
N LEU A 383 -5.46 -0.29 -9.53
CA LEU A 383 -4.09 0.25 -9.60
C LEU A 383 -3.90 1.16 -10.82
N SER A 384 -4.26 0.70 -12.02
CA SER A 384 -4.08 1.58 -13.16
C SER A 384 -5.04 2.76 -13.10
N ASN A 385 -6.30 2.52 -12.68
CA ASN A 385 -7.20 3.65 -12.57
C ASN A 385 -6.65 4.68 -11.60
N LEU A 386 -6.15 4.19 -10.47
CA LEU A 386 -5.55 5.09 -9.47
C LEU A 386 -4.39 5.88 -10.05
N GLU A 387 -3.48 5.18 -10.72
CA GLU A 387 -2.35 5.89 -11.32
C GLU A 387 -2.83 6.94 -12.31
N SER A 388 -3.84 6.59 -13.09
CA SER A 388 -4.39 7.47 -14.12
C SER A 388 -4.87 8.78 -13.52
N THR A 389 -5.28 8.82 -12.27
CA THR A 389 -5.73 10.05 -11.65
C THR A 389 -4.54 10.96 -11.36
N HIS A 390 -3.34 10.42 -11.12
CA HIS A 390 -2.17 11.24 -10.81
C HIS A 390 -2.34 11.96 -9.49
N TRP A 391 -3.20 11.46 -8.61
CA TRP A 391 -3.33 11.99 -7.25
C TRP A 391 -2.12 11.69 -6.38
N LEU A 392 -1.77 10.41 -6.24
CA LEU A 392 -0.59 10.05 -5.45
C LEU A 392 0.68 10.64 -6.03
N GLU A 393 0.73 10.79 -7.36
CA GLU A 393 1.90 11.36 -8.01
C GLU A 393 2.09 12.82 -7.61
N HIS A 394 0.98 13.55 -7.54
CA HIS A 394 1.09 14.96 -7.16
C HIS A 394 1.48 15.08 -5.69
N ILE A 395 0.86 14.23 -4.86
CA ILE A 395 1.25 14.22 -3.44
C ILE A 395 2.75 14.02 -3.26
N LYS A 396 3.26 13.06 -4.04
CA LYS A 396 4.69 12.74 -4.03
C LYS A 396 5.54 13.94 -4.46
N LEU A 397 5.09 14.67 -5.47
CA LEU A 397 5.86 15.85 -5.88
C LEU A 397 5.85 16.93 -4.80
N ILE A 398 4.71 17.08 -4.13
CA ILE A 398 4.63 18.07 -3.05
C ILE A 398 5.53 17.70 -1.87
N LEU A 399 5.44 16.44 -1.42
CA LEU A 399 6.27 15.97 -0.32
C LEU A 399 7.74 16.04 -0.69
N ALA A 400 8.10 15.47 -1.83
CA ALA A 400 9.50 15.49 -2.30
C ALA A 400 10.04 16.90 -2.32
N GLY A 401 9.25 17.84 -2.83
CA GLY A 401 9.69 19.22 -2.88
C GLY A 401 9.90 19.81 -1.50
N ALA A 402 9.03 19.42 -0.58
CA ALA A 402 9.12 19.88 0.80
C ALA A 402 10.39 19.31 1.40
N LEU A 403 10.66 18.07 1.03
CA LEU A 403 11.85 17.33 1.49
C LEU A 403 13.14 18.00 1.02
N ARG A 404 13.16 18.49 -0.22
CA ARG A 404 14.35 19.16 -0.74
C ARG A 404 14.58 20.47 -0.01
N ILE A 405 13.51 21.20 0.29
CA ILE A 405 13.63 22.47 0.99
C ILE A 405 14.13 22.23 2.42
N ALA A 406 13.47 21.37 3.18
CA ALA A 406 13.85 21.12 4.56
C ALA A 406 15.26 20.54 4.65
N ASP A 407 15.70 19.78 3.66
CA ASP A 407 17.01 19.20 3.70
C ASP A 407 18.09 20.26 3.54
N LYS A 408 17.93 21.16 2.58
CA LYS A 408 18.90 22.23 2.34
C LYS A 408 19.00 23.18 3.53
N VAL A 409 17.93 23.24 4.31
CA VAL A 409 17.95 24.08 5.51
C VAL A 409 18.63 23.37 6.66
N GLU A 410 18.23 22.17 6.94
CA GLU A 410 18.76 21.26 7.95
C GLU A 410 20.22 20.92 7.67
N SER A 411 20.45 19.90 6.78
CA SER A 411 21.75 19.33 6.49
C SER A 411 22.64 20.33 5.78
N GLY A 412 22.26 21.15 4.93
CA GLY A 412 23.16 21.99 4.18
C GLY A 412 23.46 23.30 4.89
N LYS A 413 22.71 23.61 5.91
CA LYS A 413 22.75 24.95 6.47
C LYS A 413 22.68 26.00 5.37
N THR A 414 21.83 25.96 4.47
CA THR A 414 21.70 27.01 3.47
C THR A 414 20.27 27.56 3.44
N SER A 415 20.16 28.91 3.41
CA SER A 415 18.88 29.59 3.31
C SER A 415 18.21 29.33 1.97
N VAL A 416 16.89 29.24 1.97
CA VAL A 416 16.16 28.94 0.74
C VAL A 416 14.96 29.87 0.57
N VAL A 417 14.90 30.45 -0.61
CA VAL A 417 13.76 31.28 -1.01
C VAL A 417 12.76 30.47 -1.84
N VAL A 418 11.55 30.39 -1.40
CA VAL A 418 10.59 29.56 -2.11
C VAL A 418 9.41 30.38 -2.62
N HIS A 419 9.10 30.13 -3.88
CA HIS A 419 8.03 30.84 -4.57
C HIS A 419 7.42 30.04 -5.71
N SER A 420 6.42 30.70 -6.27
CA SER A 420 5.64 30.21 -7.39
C SER A 420 5.10 31.34 -8.25
N SER A 421 4.03 31.07 -8.97
CA SER A 421 3.39 32.09 -9.80
C SER A 421 2.98 33.29 -8.95
N ASP A 422 1.98 33.18 -8.02
CA ASP A 422 1.52 34.21 -7.15
C ASP A 422 2.07 34.05 -5.74
N GLY A 423 2.50 32.84 -5.40
CA GLY A 423 3.05 32.58 -4.08
C GLY A 423 2.01 32.44 -2.97
N TRP A 424 0.87 31.82 -3.26
CA TRP A 424 -0.16 31.66 -2.21
C TRP A 424 -0.89 30.29 -2.23
N ASP A 425 -0.49 29.37 -3.10
CA ASP A 425 -1.10 28.00 -3.11
C ASP A 425 0.02 26.99 -2.95
N ARG A 426 1.01 26.86 -3.97
CA ARG A 426 2.08 25.88 -3.87
C ARG A 426 3.15 26.32 -2.88
N THR A 427 3.43 27.61 -2.79
CA THR A 427 4.42 28.08 -1.85
C THR A 427 3.96 27.75 -0.43
N ALA A 428 2.64 27.88 -0.20
CA ALA A 428 2.05 27.62 1.11
C ALA A 428 2.19 26.15 1.46
N GLN A 429 2.01 25.28 0.48
CA GLN A 429 2.14 23.85 0.72
C GLN A 429 3.58 23.48 1.06
N LEU A 430 4.53 24.16 0.42
CA LEU A 430 5.96 23.85 0.56
C LEU A 430 6.51 24.37 1.90
N THR A 431 6.33 25.64 2.18
CA THR A 431 6.83 26.19 3.43
C THR A 431 6.22 25.45 4.61
N SER A 432 4.89 25.25 4.55
CA SER A 432 4.14 24.57 5.60
C SER A 432 4.72 23.19 5.88
N LEU A 433 4.89 22.39 4.84
CA LEU A 433 5.39 21.02 4.99
C LEU A 433 6.85 20.98 5.44
N ALA A 434 7.70 21.84 4.88
CA ALA A 434 9.07 21.86 5.33
C ALA A 434 9.15 22.21 6.81
N MET A 435 8.43 23.28 7.18
CA MET A 435 8.36 23.71 8.57
C MET A 435 7.97 22.56 9.48
N LEU A 436 6.96 21.78 9.12
CA LEU A 436 6.54 20.64 9.93
C LEU A 436 7.67 19.60 10.05
N MET A 437 8.46 19.45 8.98
CA MET A 437 9.57 18.50 8.99
C MET A 437 10.69 18.99 9.90
N LEU A 438 10.88 20.31 9.93
CA LEU A 438 12.00 20.94 10.64
C LEU A 438 11.65 21.25 12.09
N ASP A 439 10.47 21.77 12.42
CA ASP A 439 10.16 22.25 13.74
C ASP A 439 9.05 21.43 14.37
N GLY A 440 9.39 20.73 15.47
CA GLY A 440 8.42 19.91 16.18
C GLY A 440 7.24 20.67 16.78
N TYR A 441 7.39 21.98 16.92
CA TYR A 441 6.33 22.81 17.47
C TYR A 441 5.02 22.71 16.66
N TYR A 442 5.11 22.80 15.34
CA TYR A 442 3.95 22.74 14.46
C TYR A 442 3.39 21.32 14.41
N ARG A 443 3.97 20.38 15.12
CA ARG A 443 3.46 19.01 15.11
C ARG A 443 2.56 18.80 16.31
N THR A 444 2.49 19.82 17.14
CA THR A 444 1.54 19.78 18.24
C THR A 444 0.22 20.39 17.83
N ILE A 445 -0.85 20.07 18.46
CA ILE A 445 -2.17 20.56 18.09
C ILE A 445 -2.17 22.09 18.01
N ARG A 446 -1.79 22.79 19.05
CA ARG A 446 -1.80 24.24 18.99
C ARG A 446 -0.78 24.74 17.99
N GLY A 447 0.29 23.97 17.82
CA GLY A 447 1.32 24.36 16.87
C GLY A 447 0.82 24.36 15.45
N PHE A 448 0.13 23.28 15.08
CA PHE A 448 -0.45 23.13 13.75
C PHE A 448 -1.49 24.22 13.44
N GLU A 449 -2.32 24.57 14.43
CA GLU A 449 -3.32 25.59 14.22
C GLU A 449 -2.58 26.89 13.93
N VAL A 450 -1.48 27.11 14.65
CA VAL A 450 -0.67 28.29 14.39
C VAL A 450 -0.09 28.23 12.98
N LEU A 451 0.38 27.04 12.62
CA LEU A 451 0.92 26.83 11.27
C LEU A 451 -0.11 27.20 10.21
N VAL A 452 -1.35 26.72 10.38
CA VAL A 452 -2.45 27.01 9.46
C VAL A 452 -2.76 28.51 9.45
N GLU A 453 -2.76 29.13 10.63
CA GLU A 453 -3.05 30.56 10.76
C GLU A 453 -1.94 31.40 10.16
N LYS A 454 -0.73 30.89 10.12
CA LYS A 454 0.45 31.66 9.80
C LYS A 454 0.75 31.62 8.31
N GLU A 455 0.82 30.33 7.80
CA GLU A 455 1.13 30.13 6.39
C GLU A 455 -0.05 30.53 5.51
N TRP A 456 -1.19 29.95 5.84
CA TRP A 456 -2.27 29.85 4.86
C TRP A 456 -3.26 31.00 5.02
N LEU A 457 -3.81 31.28 6.21
CA LEU A 457 -4.71 32.43 6.41
C LEU A 457 -3.95 33.76 6.33
N SER A 458 -3.01 33.99 7.24
CA SER A 458 -2.30 35.26 7.29
C SER A 458 -1.59 35.57 5.97
N PHE A 459 -1.01 34.59 5.28
CA PHE A 459 -0.22 34.86 4.10
C PHE A 459 -1.04 34.97 2.80
N GLY A 460 -2.35 34.92 2.93
CA GLY A 460 -3.24 35.22 1.79
C GLY A 460 -3.66 34.05 0.89
N HIS A 461 -3.80 32.86 1.42
CA HIS A 461 -4.35 31.82 0.57
C HIS A 461 -5.82 32.13 0.37
N ARG A 462 -6.25 32.04 -0.87
CA ARG A 462 -7.64 32.34 -1.23
C ARG A 462 -8.52 31.12 -0.97
N PHE A 463 -8.91 31.00 0.29
CA PHE A 463 -9.80 29.93 0.74
C PHE A 463 -11.16 30.14 0.10
N GLN A 464 -11.76 31.32 0.22
CA GLN A 464 -13.08 31.61 -0.33
C GLN A 464 -13.09 31.34 -1.84
N LEU A 465 -12.13 31.92 -2.52
CA LEU A 465 -12.00 31.75 -3.97
C LEU A 465 -11.68 30.29 -4.32
N ARG A 466 -10.83 29.62 -3.55
CA ARG A 466 -10.47 28.23 -3.83
C ARG A 466 -11.54 27.22 -3.47
N VAL A 467 -12.37 27.50 -2.48
CA VAL A 467 -13.47 26.62 -2.08
C VAL A 467 -14.80 27.12 -2.65
N GLY A 468 -15.10 28.35 -2.77
CA GLY A 468 -16.34 28.86 -3.35
C GLY A 468 -17.54 28.80 -2.41
N HIS A 469 -17.32 29.37 -1.15
CA HIS A 469 -18.36 29.19 -0.14
C HIS A 469 -19.68 29.79 -0.60
N GLY A 470 -20.74 28.93 -0.48
CA GLY A 470 -22.09 29.36 -0.80
C GLY A 470 -22.30 30.01 -2.15
N ASP A 471 -21.63 29.49 -3.17
CA ASP A 471 -21.70 29.98 -4.51
C ASP A 471 -22.14 28.88 -5.47
N LYS A 472 -23.23 29.10 -6.21
CA LYS A 472 -23.81 28.14 -7.12
C LYS A 472 -22.87 27.84 -8.28
N ASN A 473 -21.84 28.63 -8.42
CA ASN A 473 -20.99 28.63 -9.60
C ASN A 473 -19.99 27.49 -9.55
N HIS A 474 -20.47 26.27 -9.50
CA HIS A 474 -19.70 25.06 -9.25
C HIS A 474 -18.59 24.90 -10.28
N ALA A 475 -18.71 25.37 -11.51
CA ALA A 475 -17.72 25.16 -12.55
C ALA A 475 -16.58 26.16 -12.43
N ASP A 476 -16.72 27.25 -11.70
CA ASP A 476 -15.64 28.16 -11.47
C ASP A 476 -14.31 27.44 -11.54
N ALA A 477 -13.35 27.91 -12.32
CA ALA A 477 -12.04 27.31 -12.44
C ALA A 477 -11.06 27.90 -11.43
N ASP A 478 -11.51 28.69 -10.47
CA ASP A 478 -10.69 29.21 -9.42
C ASP A 478 -10.63 28.29 -8.23
N ARG A 479 -11.51 27.27 -8.33
CA ARG A 479 -11.64 26.26 -7.30
C ARG A 479 -10.64 25.13 -7.48
N SER A 480 -9.95 24.82 -6.39
CA SER A 480 -8.95 23.77 -6.41
C SER A 480 -8.66 23.25 -5.00
N PRO A 481 -8.41 21.94 -4.86
CA PRO A 481 -8.16 21.30 -3.57
C PRO A 481 -6.73 21.55 -3.05
N VAL A 482 -6.18 22.75 -3.15
CA VAL A 482 -4.85 23.08 -2.69
C VAL A 482 -4.66 22.70 -1.23
N PHE A 483 -5.42 23.32 -0.33
CA PHE A 483 -5.31 23.04 1.10
C PHE A 483 -5.56 21.57 1.42
N LEU A 484 -6.53 20.99 0.70
CA LEU A 484 -6.85 19.59 0.87
C LEU A 484 -5.64 18.72 0.54
N GLN A 485 -4.84 19.14 -0.45
CA GLN A 485 -3.62 18.41 -0.82
C GLN A 485 -2.59 18.46 0.30
N PHE A 486 -2.49 19.67 0.87
CA PHE A 486 -1.58 19.89 1.98
C PHE A 486 -1.94 18.94 3.13
N ILE A 487 -3.20 18.97 3.53
CA ILE A 487 -3.66 18.11 4.62
C ILE A 487 -3.42 16.63 4.30
N ASP A 488 -3.57 16.26 3.03
CA ASP A 488 -3.29 14.90 2.64
C ASP A 488 -1.83 14.55 2.90
N CYS A 489 -0.95 15.52 2.56
CA CYS A 489 0.48 15.34 2.73
C CYS A 489 0.84 15.18 4.20
N VAL A 490 0.14 15.92 5.04
CA VAL A 490 0.36 15.81 6.47
C VAL A 490 -0.03 14.42 6.98
N TRP A 491 -1.19 13.97 6.53
CA TRP A 491 -1.65 12.66 6.93
C TRP A 491 -0.58 11.64 6.51
N GLN A 492 -0.03 11.82 5.30
CA GLN A 492 1.02 10.94 4.80
C GLN A 492 2.19 10.87 5.78
N MET A 493 2.57 12.05 6.28
CA MET A 493 3.66 12.16 7.24
C MET A 493 3.31 11.48 8.56
N THR A 494 2.04 11.54 9.01
CA THR A 494 1.67 10.94 10.28
C THR A 494 1.66 9.43 10.18
N ARG A 495 1.41 8.86 9.01
CA ARG A 495 1.46 7.41 8.87
C ARG A 495 2.87 6.89 9.02
N GLN A 496 3.81 7.65 8.43
CA GLN A 496 5.22 7.30 8.46
C GLN A 496 5.84 7.56 9.83
N PHE A 497 5.22 8.43 10.62
CA PHE A 497 5.71 8.69 11.96
C PHE A 497 4.57 8.63 12.97
N PRO A 498 4.04 7.53 13.32
CA PRO A 498 2.91 7.24 14.22
C PRO A 498 3.08 7.87 15.60
N THR A 499 4.19 8.49 15.91
CA THR A 499 4.41 9.01 17.24
C THR A 499 4.81 10.47 17.20
N ALA A 500 5.02 11.09 16.02
CA ALA A 500 5.64 12.41 15.94
C ALA A 500 4.60 13.52 15.98
N PHE A 501 3.31 13.26 15.82
CA PHE A 501 2.30 14.31 15.84
C PHE A 501 1.37 14.13 17.03
N GLU A 502 1.06 15.25 17.70
CA GLU A 502 0.15 15.21 18.85
C GLU A 502 -1.30 15.03 18.37
N PHE A 503 -1.57 15.42 17.13
CA PHE A 503 -2.92 15.26 16.60
C PHE A 503 -3.05 13.94 15.85
N ASN A 504 -4.20 13.57 15.54
CA ASN A 504 -4.55 12.30 14.91
C ASN A 504 -5.36 12.53 13.64
N GLU A 505 -5.65 11.42 12.97
CA GLU A 505 -6.34 11.51 11.70
C GLU A 505 -7.63 12.29 11.79
N TYR A 506 -8.44 12.00 12.80
CA TYR A 506 -9.73 12.64 13.00
C TYR A 506 -9.63 14.17 13.03
N PHE A 507 -8.56 14.68 13.63
CA PHE A 507 -8.32 16.12 13.71
C PHE A 507 -8.26 16.67 12.30
N LEU A 508 -7.55 15.96 11.43
CA LEU A 508 -7.35 16.38 10.04
C LEU A 508 -8.65 16.28 9.23
N ILE A 509 -9.40 15.21 9.44
CA ILE A 509 -10.66 15.06 8.73
C ILE A 509 -11.68 16.09 9.23
N THR A 510 -11.55 16.41 10.51
CA THR A 510 -12.43 17.43 11.08
C THR A 510 -12.14 18.79 10.47
N ILE A 511 -10.86 18.99 10.10
CA ILE A 511 -10.46 20.27 9.52
C ILE A 511 -10.98 20.36 8.08
N LEU A 512 -10.87 19.28 7.34
CA LEU A 512 -11.40 19.27 5.97
C LEU A 512 -12.92 19.45 5.95
N ASP A 513 -13.62 18.87 6.94
CA ASP A 513 -15.04 18.97 7.05
C ASP A 513 -15.48 20.40 7.31
N HIS A 514 -14.72 21.16 8.08
CA HIS A 514 -15.12 22.53 8.38
C HIS A 514 -14.51 23.51 7.38
N LEU A 515 -13.80 22.96 6.41
CA LEU A 515 -13.32 23.80 5.31
C LEU A 515 -14.46 24.19 4.38
N TYR A 516 -15.40 23.21 4.33
CA TYR A 516 -16.59 23.33 3.52
C TYR A 516 -17.79 23.78 4.36
N SER A 517 -17.92 23.31 5.58
CA SER A 517 -19.04 23.54 6.47
C SER A 517 -19.37 25.03 6.56
N CYS A 518 -18.47 25.90 6.67
CA CYS A 518 -18.68 27.32 6.86
C CYS A 518 -19.41 27.61 8.16
N LEU A 519 -19.23 26.61 9.07
CA LEU A 519 -19.73 26.77 10.44
C LEU A 519 -18.95 27.86 11.18
N PHE A 520 -17.65 27.90 10.86
CA PHE A 520 -16.76 28.90 11.46
C PHE A 520 -16.25 29.86 10.41
N GLY A 521 -15.65 30.96 10.85
CA GLY A 521 -15.12 31.89 9.88
C GLY A 521 -13.63 31.76 9.62
N THR A 522 -13.02 30.69 10.11
CA THR A 522 -11.57 30.46 10.00
C THR A 522 -11.17 30.36 8.54
N PHE A 523 -11.92 29.65 7.70
CA PHE A 523 -11.56 29.49 6.29
C PHE A 523 -12.36 30.33 5.32
N LEU A 524 -12.69 31.49 5.77
CA LEU A 524 -13.46 32.42 4.96
C LEU A 524 -12.55 33.50 4.40
N CYS A 525 -13.09 34.19 3.41
CA CYS A 525 -12.40 35.29 2.74
C CYS A 525 -11.32 34.76 1.80
N ASN A 526 -10.36 35.66 1.42
CA ASN A 526 -9.18 35.32 0.66
C ASN A 526 -7.95 36.00 1.22
N SER A 527 -8.08 36.77 2.33
CA SER A 527 -6.90 37.44 2.86
C SER A 527 -7.12 37.90 4.29
N GLU A 528 -5.99 38.27 4.92
CA GLU A 528 -5.99 38.77 6.28
C GLU A 528 -6.69 40.12 6.32
N GLN A 529 -6.31 41.01 5.40
CA GLN A 529 -6.94 42.31 5.35
C GLN A 529 -8.44 42.20 5.11
N GLN A 530 -8.79 41.24 4.28
CA GLN A 530 -10.21 41.02 4.01
C GLN A 530 -10.96 40.65 5.30
N ARG A 531 -10.34 39.74 6.06
CA ARG A 531 -10.94 39.31 7.32
C ARG A 531 -11.06 40.45 8.32
N GLY A 532 -10.14 41.41 8.26
CA GLY A 532 -10.21 42.55 9.15
C GLY A 532 -11.41 43.41 8.81
N LYS A 533 -11.51 43.80 7.54
CA LYS A 533 -12.62 44.62 7.08
C LYS A 533 -13.95 43.96 7.40
N GLU A 534 -14.00 42.65 7.18
CA GLU A 534 -15.21 41.89 7.42
C GLU A 534 -15.46 41.69 8.92
N ASN A 535 -14.51 42.04 9.76
CA ASN A 535 -14.64 41.95 11.22
C ASN A 535 -14.96 40.53 11.64
N LEU A 536 -14.36 39.49 11.07
CA LEU A 536 -14.60 38.06 11.26
C LEU A 536 -14.40 37.64 12.73
N PRO A 537 -13.40 38.10 13.47
CA PRO A 537 -13.18 37.66 14.85
C PRO A 537 -14.38 37.98 15.75
N LYS A 538 -15.00 39.13 15.50
CA LYS A 538 -16.13 39.56 16.31
C LYS A 538 -17.43 39.04 15.75
N ARG A 539 -17.47 38.54 14.53
CA ARG A 539 -18.74 38.08 13.95
C ARG A 539 -18.85 36.58 13.71
N THR A 540 -17.74 35.83 13.88
CA THR A 540 -17.77 34.40 13.64
C THR A 540 -16.98 33.67 14.71
N VAL A 541 -17.33 32.40 14.88
CA VAL A 541 -16.59 31.56 15.82
C VAL A 541 -15.39 30.90 15.14
N SER A 542 -14.27 30.95 15.79
CA SER A 542 -13.08 30.32 15.24
C SER A 542 -13.17 28.80 15.36
N LEU A 543 -12.73 28.08 14.36
CA LEU A 543 -12.77 26.61 14.40
C LEU A 543 -11.98 26.07 15.59
N TRP A 544 -10.89 26.74 15.95
CA TRP A 544 -10.03 26.29 17.05
C TRP A 544 -10.72 26.40 18.41
N SER A 545 -11.69 27.31 18.53
CA SER A 545 -12.46 27.46 19.76
C SER A 545 -13.23 26.19 20.08
N TYR A 546 -13.71 25.54 19.03
CA TYR A 546 -14.43 24.30 19.20
C TYR A 546 -13.49 23.11 19.39
N ILE A 547 -12.42 23.05 18.61
CA ILE A 547 -11.50 21.93 18.65
C ILE A 547 -10.77 21.89 20.00
N ASN A 548 -10.30 23.01 20.53
CA ASN A 548 -9.57 23.04 21.78
C ASN A 548 -10.50 22.80 22.95
N SER A 549 -11.79 22.57 22.72
CA SER A 549 -12.74 22.28 23.79
C SER A 549 -13.06 20.79 23.84
N GLN A 550 -12.74 20.09 22.69
CA GLN A 550 -12.96 18.64 22.67
C GLN A 550 -11.66 17.90 22.44
N LEU A 551 -10.52 18.33 22.86
CA LEU A 551 -9.19 17.80 22.52
C LEU A 551 -9.12 16.29 22.73
N GLU A 552 -9.93 15.61 23.51
CA GLU A 552 -9.79 14.17 23.68
C GLU A 552 -10.09 13.43 22.38
N ASP A 553 -10.78 14.08 21.43
CA ASP A 553 -11.11 13.46 20.19
C ASP A 553 -10.08 13.70 19.09
N PHE A 554 -9.09 14.53 19.34
CA PHE A 554 -8.10 14.85 18.31
C PHE A 554 -6.66 14.42 18.66
N THR A 555 -6.46 13.87 19.85
CA THR A 555 -5.08 13.55 20.33
C THR A 555 -4.58 12.17 19.91
N ASN A 556 -3.33 12.15 19.41
CA ASN A 556 -2.70 10.86 19.14
C ASN A 556 -2.11 10.28 20.42
N PRO A 557 -2.65 9.20 20.94
CA PRO A 557 -2.19 8.66 22.22
C PRO A 557 -0.76 8.12 22.16
N LEU A 558 -0.25 7.80 20.98
CA LEU A 558 1.10 7.28 20.83
C LEU A 558 2.12 8.39 20.60
N TYR A 559 1.69 9.62 20.89
CA TYR A 559 2.56 10.77 20.71
C TYR A 559 3.66 10.85 21.75
N GLY A 560 4.91 10.76 21.29
CA GLY A 560 6.04 10.83 22.20
C GLY A 560 7.26 10.08 21.70
N SER A 561 7.13 8.75 21.59
CA SER A 561 8.21 7.88 21.15
C SER A 561 9.32 8.59 20.38
N TYR A 562 8.96 9.35 19.34
CA TYR A 562 9.96 10.07 18.57
C TYR A 562 10.56 11.16 19.43
N SER A 563 10.68 12.32 18.84
CA SER A 563 11.24 13.46 19.54
C SER A 563 11.27 14.71 18.66
N ASN A 564 11.81 15.69 19.33
CA ASN A 564 12.00 17.04 18.86
C ASN A 564 13.15 17.08 17.82
N HIS A 565 13.07 16.13 16.90
CA HIS A 565 14.06 16.00 15.80
C HIS A 565 13.39 16.33 14.46
N VAL A 566 14.16 16.19 13.39
CA VAL A 566 13.68 16.51 12.03
C VAL A 566 13.10 15.29 11.33
N LEU A 567 11.97 15.46 10.69
CA LEU A 567 11.32 14.34 9.99
C LEU A 567 11.68 14.32 8.50
N TYR A 568 11.91 13.08 7.99
CA TYR A 568 12.15 12.91 6.57
C TYR A 568 11.36 11.72 6.02
N PRO A 569 10.04 12.09 5.67
CA PRO A 569 9.23 11.03 5.08
C PRO A 569 9.79 10.55 3.73
N VAL A 570 9.34 9.45 3.26
CA VAL A 570 9.83 8.98 1.97
C VAL A 570 8.80 9.22 0.87
N ALA A 571 9.18 9.99 -0.01
CA ALA A 571 8.35 10.25 -1.16
C ALA A 571 8.66 9.18 -2.20
N SER A 572 7.78 8.23 -2.31
CA SER A 572 7.92 7.14 -3.28
C SER A 572 6.64 6.34 -3.27
N MET A 573 6.19 6.00 -4.44
CA MET A 573 4.91 5.30 -4.60
C MET A 573 4.82 4.05 -3.75
N ARG A 574 5.98 3.68 -3.17
CA ARG A 574 6.03 2.48 -2.31
C ARG A 574 5.90 2.84 -0.82
N HIS A 575 5.74 4.12 -0.48
CA HIS A 575 5.58 4.49 0.96
C HIS A 575 4.42 5.48 1.18
N LEU A 576 3.87 5.96 0.07
CA LEU A 576 2.70 6.86 0.12
C LEU A 576 1.44 6.02 -0.10
N GLU A 577 0.42 6.24 0.65
CA GLU A 577 -0.80 5.45 0.52
C GLU A 577 -2.00 6.34 0.18
N LEU A 578 -3.02 5.74 -0.38
CA LEU A 578 -4.23 6.55 -0.61
C LEU A 578 -4.98 6.77 0.71
N TRP A 579 -5.39 7.89 1.01
CA TRP A 579 -5.85 8.27 2.33
C TRP A 579 -7.25 7.74 2.60
N VAL A 580 -7.40 6.46 2.53
CA VAL A 580 -8.68 5.77 2.61
C VAL A 580 -9.59 6.41 3.65
N GLY A 581 -9.01 6.86 4.76
CA GLY A 581 -9.82 7.45 5.80
C GLY A 581 -10.66 8.64 5.37
N TYR A 582 -10.21 9.30 4.32
CA TYR A 582 -10.94 10.46 3.81
C TYR A 582 -11.66 10.13 2.50
N TYR A 583 -10.88 9.75 1.45
CA TYR A 583 -11.43 9.62 0.11
C TYR A 583 -12.37 8.44 0.03
N ILE A 584 -12.33 7.49 0.90
CA ILE A 584 -13.29 6.40 0.91
C ILE A 584 -13.76 6.12 2.34
N ARG A 585 -14.54 7.04 2.97
CA ARG A 585 -15.03 6.86 4.33
C ARG A 585 -16.54 6.68 4.34
N TRP A 586 -17.17 6.57 3.20
CA TRP A 586 -18.61 6.46 3.14
C TRP A 586 -19.04 5.01 3.01
N ASN A 587 -18.20 4.18 2.42
CA ASN A 587 -18.54 2.78 2.31
C ASN A 587 -18.62 2.12 3.69
N PRO A 588 -19.82 1.70 4.09
CA PRO A 588 -20.03 1.05 5.40
C PRO A 588 -19.35 -0.33 5.48
N ARG A 589 -18.68 -0.67 4.38
CA ARG A 589 -18.00 -1.95 4.29
C ARG A 589 -19.06 -3.04 4.40
N GLU B 77 37.72 -11.21 1.36
CA GLU B 77 38.06 -12.22 2.37
C GLU B 77 37.41 -13.56 2.05
N GLU B 78 37.84 -14.61 2.76
CA GLU B 78 37.36 -15.98 2.51
C GLU B 78 36.00 -16.21 3.16
N PRO B 79 35.27 -17.22 2.64
CA PRO B 79 33.95 -17.59 3.16
C PRO B 79 34.03 -18.39 4.46
N PRO B 80 33.04 -18.21 5.34
CA PRO B 80 33.03 -19.00 6.59
C PRO B 80 32.32 -20.34 6.42
N LEU B 81 33.15 -21.26 6.04
CA LEU B 81 32.70 -22.56 5.53
C LEU B 81 31.84 -23.31 6.55
N LEU B 82 30.89 -24.07 6.07
CA LEU B 82 29.98 -24.83 6.93
C LEU B 82 30.46 -26.29 7.10
N PRO B 83 29.99 -26.98 8.11
CA PRO B 83 30.38 -28.38 8.32
C PRO B 83 30.18 -29.24 7.07
N GLY B 84 31.26 -29.47 6.34
CA GLY B 84 31.21 -30.26 5.12
C GLY B 84 31.43 -29.43 3.87
N GLU B 85 31.47 -28.11 4.05
CA GLU B 85 31.65 -27.20 2.92
C GLU B 85 33.15 -27.05 2.59
N ASN B 86 33.50 -27.28 1.33
CA ASN B 86 34.87 -27.17 0.88
C ASN B 86 35.01 -26.15 -0.23
N ILE B 87 36.08 -25.37 -0.19
CA ILE B 87 36.33 -24.37 -1.23
C ILE B 87 36.75 -25.06 -2.53
N LYS B 88 35.98 -24.88 -3.59
CA LYS B 88 36.28 -25.51 -4.87
C LYS B 88 37.14 -24.64 -5.80
N ASP B 89 37.03 -23.34 -5.64
CA ASP B 89 37.94 -22.44 -6.31
C ASP B 89 37.95 -21.08 -5.65
N MET B 90 38.98 -20.33 -5.80
CA MET B 90 39.08 -18.96 -5.31
C MET B 90 39.91 -18.10 -6.27
N ALA B 91 39.47 -16.94 -6.54
CA ALA B 91 40.28 -15.93 -7.19
C ALA B 91 40.04 -14.59 -6.53
N LYS B 92 41.12 -13.87 -6.40
CA LYS B 92 41.10 -12.58 -5.76
C LYS B 92 41.14 -11.47 -6.80
N ASP B 93 40.71 -10.33 -6.32
CA ASP B 93 40.67 -9.05 -7.06
C ASP B 93 39.73 -9.10 -8.25
N VAL B 94 38.49 -9.39 -7.93
CA VAL B 94 37.39 -9.47 -8.89
C VAL B 94 36.46 -8.29 -8.65
N THR B 95 35.85 -7.81 -9.71
CA THR B 95 34.96 -6.64 -9.59
C THR B 95 33.50 -7.03 -9.63
N TYR B 96 32.77 -6.53 -8.65
CA TYR B 96 31.32 -6.69 -8.61
C TYR B 96 30.66 -5.36 -8.91
N ILE B 97 29.78 -5.39 -9.89
CA ILE B 97 29.06 -4.18 -10.29
C ILE B 97 27.65 -4.23 -9.72
N CYS B 98 27.54 -3.60 -8.57
CA CYS B 98 26.27 -3.52 -7.82
C CYS B 98 25.34 -2.51 -8.49
N PRO B 99 24.16 -2.97 -8.92
CA PRO B 99 23.16 -2.11 -9.57
C PRO B 99 22.71 -0.97 -8.67
N PHE B 100 23.25 -0.89 -7.44
CA PHE B 100 22.85 0.21 -6.49
C PHE B 100 24.06 1.01 -5.95
N THR B 101 25.17 0.35 -5.70
CA THR B 101 26.42 1.07 -5.32
C THR B 101 27.38 0.88 -6.47
N GLY B 102 28.52 1.51 -6.44
CA GLY B 102 29.45 1.36 -7.54
C GLY B 102 30.09 -0.01 -7.64
N ALA B 103 31.20 -0.06 -8.39
CA ALA B 103 31.95 -1.30 -8.51
C ALA B 103 32.71 -1.53 -7.21
N VAL B 104 32.99 -2.79 -6.96
CA VAL B 104 33.77 -3.20 -5.79
C VAL B 104 34.61 -4.41 -6.16
N ARG B 105 35.90 -4.25 -6.04
CA ARG B 105 36.81 -5.35 -6.29
C ARG B 105 37.00 -6.11 -4.98
N GLY B 106 37.29 -7.36 -5.05
CA GLY B 106 37.44 -8.15 -3.85
C GLY B 106 37.73 -9.57 -4.26
N THR B 107 37.30 -10.55 -3.43
CA THR B 107 37.60 -11.94 -3.74
C THR B 107 36.32 -12.74 -3.95
N LEU B 108 36.28 -13.49 -5.08
CA LEU B 108 35.14 -14.34 -5.43
C LEU B 108 35.47 -15.81 -5.19
N THR B 109 34.83 -16.40 -4.16
CA THR B 109 35.06 -17.77 -3.78
C THR B 109 33.89 -18.65 -4.19
N VAL B 110 34.21 -19.89 -4.61
CA VAL B 110 33.18 -20.86 -4.98
C VAL B 110 33.37 -22.16 -4.20
N THR B 111 32.25 -22.53 -3.51
CA THR B 111 32.38 -23.76 -2.76
C THR B 111 31.44 -24.82 -3.30
N ASN B 112 31.21 -25.92 -2.62
CA ASN B 112 30.30 -26.95 -3.08
C ASN B 112 28.88 -26.70 -2.57
N TYR B 113 28.72 -25.54 -1.86
CA TYR B 113 27.39 -25.13 -1.47
C TYR B 113 27.10 -23.68 -1.85
N ARG B 114 28.03 -22.74 -1.90
CA ARG B 114 27.64 -21.35 -2.11
C ARG B 114 28.61 -20.65 -3.04
N LEU B 115 28.21 -19.45 -3.32
CA LEU B 115 28.97 -18.42 -4.02
C LEU B 115 29.23 -17.22 -3.09
N TYR B 116 30.40 -17.07 -2.68
CA TYR B 116 30.69 -16.03 -1.70
C TYR B 116 31.63 -14.98 -2.26
N PHE B 117 31.28 -13.77 -2.09
CA PHE B 117 32.09 -12.61 -2.46
C PHE B 117 32.25 -11.62 -1.32
N LYS B 118 33.43 -11.25 -1.02
CA LYS B 118 33.66 -10.36 0.10
C LYS B 118 34.74 -9.33 -0.22
N SER B 119 34.53 -8.12 0.19
CA SER B 119 35.48 -7.04 -0.05
C SER B 119 35.63 -6.15 1.18
N MET B 120 36.87 -5.84 1.52
CA MET B 120 37.15 -4.97 2.65
C MET B 120 37.36 -3.53 2.21
N GLU B 121 36.84 -3.14 1.11
CA GLU B 121 37.03 -1.86 0.43
C GLU B 121 35.90 -0.89 0.76
N ARG B 122 35.13 -1.19 1.78
CA ARG B 122 33.93 -0.46 2.16
C ARG B 122 33.75 -0.45 3.67
N ASP B 123 33.54 0.72 4.26
CA ASP B 123 33.37 0.81 5.70
C ASP B 123 32.72 -0.45 6.24
N PRO B 124 31.54 -0.77 5.71
CA PRO B 124 30.91 -2.02 6.10
C PRO B 124 31.25 -3.18 5.14
N PRO B 125 32.05 -4.12 5.57
CA PRO B 125 32.46 -5.21 4.66
C PRO B 125 31.33 -5.67 3.75
N PHE B 126 31.48 -5.34 2.47
CA PHE B 126 30.52 -5.71 1.45
C PHE B 126 30.50 -7.21 1.18
N VAL B 127 29.51 -7.92 1.74
CA VAL B 127 29.48 -9.36 1.55
C VAL B 127 28.38 -9.75 0.57
N LEU B 128 28.70 -10.80 -0.24
CA LEU B 128 27.71 -11.34 -1.18
C LEU B 128 27.65 -12.87 -1.10
N ASP B 129 26.87 -13.34 -0.10
CA ASP B 129 26.63 -14.76 0.05
C ASP B 129 25.49 -15.22 -0.83
N ALA B 130 25.54 -16.39 -1.34
CA ALA B 130 24.44 -16.98 -2.10
C ALA B 130 24.67 -18.46 -2.34
N SER B 131 23.72 -19.29 -2.03
CA SER B 131 23.77 -20.71 -2.35
C SER B 131 23.77 -20.94 -3.85
N LEU B 132 24.54 -21.94 -4.26
CA LEU B 132 24.55 -22.30 -5.68
C LEU B 132 23.16 -22.71 -6.18
N GLY B 133 22.42 -23.28 -5.22
CA GLY B 133 21.06 -23.70 -5.51
C GLY B 133 20.13 -22.55 -5.92
N VAL B 134 20.52 -21.31 -5.68
CA VAL B 134 19.67 -20.20 -6.06
C VAL B 134 20.12 -19.64 -7.41
N ILE B 135 21.12 -20.30 -8.01
CA ILE B 135 21.64 -19.88 -9.30
C ILE B 135 20.86 -20.55 -10.43
N ASN B 136 20.12 -19.71 -11.15
CA ASN B 136 19.26 -20.12 -12.24
C ASN B 136 20.02 -20.31 -13.54
N ARG B 137 21.02 -19.51 -13.78
CA ARG B 137 21.80 -19.58 -15.00
C ARG B 137 23.11 -18.83 -14.86
N VAL B 138 24.16 -19.37 -15.43
CA VAL B 138 25.46 -18.70 -15.46
C VAL B 138 25.94 -18.52 -16.90
N GLU B 139 26.27 -17.30 -17.26
CA GLU B 139 26.72 -17.05 -18.62
C GLU B 139 27.90 -16.08 -18.64
N LYS B 140 28.85 -16.34 -19.54
CA LYS B 140 30.07 -15.55 -19.64
C LYS B 140 29.82 -14.30 -20.46
N ILE B 141 30.36 -13.20 -19.95
CA ILE B 141 30.33 -11.90 -20.61
C ILE B 141 31.73 -11.55 -21.13
N GLY B 142 31.87 -11.45 -22.43
CA GLY B 142 33.17 -11.17 -23.00
C GLY B 142 34.03 -12.42 -23.03
N GLY B 143 34.94 -12.47 -23.99
CA GLY B 143 35.82 -13.63 -24.13
C GLY B 143 36.77 -13.47 -25.30
N ALA B 144 36.23 -13.03 -26.44
CA ALA B 144 37.01 -12.84 -27.65
C ALA B 144 37.92 -11.62 -27.55
N SER B 145 37.34 -10.43 -27.72
CA SER B 145 38.09 -9.19 -27.64
C SER B 145 37.23 -8.05 -27.13
N SER B 146 37.29 -7.81 -25.82
CA SER B 146 36.51 -6.75 -25.20
C SER B 146 37.16 -6.30 -23.89
N ARG B 147 38.01 -5.29 -23.98
CA ARG B 147 38.71 -4.76 -22.81
C ARG B 147 38.14 -3.40 -22.40
N GLY B 148 37.14 -3.42 -21.52
CA GLY B 148 36.53 -2.20 -21.07
C GLY B 148 36.45 -2.12 -19.56
N GLU B 149 35.64 -1.19 -19.06
CA GLU B 149 35.46 -1.03 -17.61
C GLU B 149 34.31 -1.93 -17.11
N ASN B 150 34.70 -3.16 -16.82
CA ASN B 150 33.90 -4.21 -16.23
C ASN B 150 33.14 -4.98 -17.29
N SER B 151 33.52 -5.05 -18.47
CA SER B 151 32.78 -5.66 -19.55
C SER B 151 33.30 -7.07 -19.84
N TYR B 152 34.13 -7.55 -18.92
CA TYR B 152 34.69 -8.88 -19.01
C TYR B 152 34.46 -9.67 -17.72
N GLY B 153 33.89 -10.86 -17.83
CA GLY B 153 33.62 -11.65 -16.66
C GLY B 153 32.40 -12.52 -16.87
N LEU B 154 31.73 -12.90 -15.79
CA LEU B 154 30.54 -13.74 -15.89
C LEU B 154 29.36 -13.14 -15.13
N GLU B 155 28.17 -13.60 -15.49
CA GLU B 155 26.94 -13.13 -14.84
C GLU B 155 26.08 -14.30 -14.40
N THR B 156 25.38 -14.13 -13.28
CA THR B 156 24.50 -15.17 -12.80
C THR B 156 23.10 -14.61 -12.58
N VAL B 157 22.16 -15.27 -13.18
CA VAL B 157 20.76 -14.97 -12.92
C VAL B 157 20.22 -15.84 -11.79
N CYS B 158 19.74 -15.28 -10.73
CA CYS B 158 19.34 -16.09 -9.60
C CYS B 158 17.83 -16.25 -9.52
N LYS B 159 17.41 -17.11 -8.60
CA LYS B 159 15.99 -17.41 -8.40
C LYS B 159 15.32 -16.55 -7.34
N ASP B 160 16.08 -15.85 -6.60
CA ASP B 160 15.64 -14.98 -5.53
C ASP B 160 15.62 -13.53 -5.98
N ILE B 161 15.02 -13.23 -7.10
CA ILE B 161 14.76 -11.92 -7.70
C ILE B 161 15.98 -11.01 -7.61
N ARG B 162 17.15 -11.46 -8.23
CA ARG B 162 18.36 -10.64 -8.36
C ARG B 162 19.30 -11.17 -9.44
N ASN B 163 20.31 -10.38 -9.79
CA ASN B 163 21.28 -10.76 -10.78
C ASN B 163 22.67 -10.31 -10.37
N LEU B 164 23.61 -11.26 -10.39
CA LEU B 164 25.00 -10.98 -10.02
C LEU B 164 25.90 -10.86 -11.25
N ARG B 165 26.68 -9.78 -11.29
CA ARG B 165 27.58 -9.51 -12.41
C ARG B 165 29.00 -9.27 -11.91
N PHE B 166 29.93 -10.17 -12.28
CA PHE B 166 31.31 -10.06 -11.82
C PHE B 166 32.25 -9.86 -12.99
N ALA B 167 33.02 -8.83 -12.92
CA ALA B 167 34.08 -8.53 -13.87
C ALA B 167 35.40 -9.17 -13.46
N HIS B 168 35.65 -10.36 -13.97
CA HIS B 168 36.79 -11.14 -13.48
C HIS B 168 37.97 -11.16 -14.43
N LYS B 169 39.10 -10.88 -13.98
CA LYS B 169 40.28 -10.55 -14.77
C LYS B 169 40.30 -11.27 -16.12
N PRO B 170 40.65 -10.55 -17.19
CA PRO B 170 40.71 -11.12 -18.54
C PRO B 170 41.90 -12.06 -18.73
N GLU B 171 43.03 -11.70 -18.12
CA GLU B 171 44.24 -12.51 -18.22
C GLU B 171 44.77 -12.86 -16.84
N GLY B 172 46.00 -13.36 -16.79
CA GLY B 172 46.59 -13.73 -15.51
C GLY B 172 46.37 -15.20 -15.20
N ARG B 173 46.43 -16.04 -16.23
CA ARG B 173 46.23 -17.47 -16.07
C ARG B 173 44.85 -17.77 -15.52
N THR B 174 43.97 -16.77 -15.55
CA THR B 174 42.61 -16.91 -15.06
C THR B 174 41.59 -16.65 -16.17
N ARG B 175 42.04 -16.84 -17.41
CA ARG B 175 41.17 -16.62 -18.57
C ARG B 175 39.94 -17.52 -18.51
N ARG B 176 40.13 -18.75 -18.04
CA ARG B 176 39.03 -19.70 -17.93
C ARG B 176 39.20 -20.58 -16.70
N SER B 177 38.39 -20.32 -15.66
CA SER B 177 38.47 -21.11 -14.44
C SER B 177 37.26 -20.86 -13.55
N ILE B 178 37.11 -19.63 -13.05
CA ILE B 178 35.98 -19.29 -12.19
C ILE B 178 34.65 -19.76 -12.81
N PHE B 179 34.45 -19.41 -14.08
CA PHE B 179 33.23 -19.82 -14.76
C PHE B 179 33.00 -21.33 -14.71
N GLU B 180 34.01 -22.09 -15.13
CA GLU B 180 33.94 -23.54 -15.19
C GLU B 180 33.57 -24.13 -13.84
N ASN B 181 34.08 -23.63 -12.71
CA ASN B 181 33.84 -24.22 -11.42
C ASN B 181 32.48 -23.80 -10.88
N LEU B 182 31.97 -22.68 -11.33
CA LEU B 182 30.62 -22.27 -10.95
C LEU B 182 29.57 -23.19 -11.60
N MET B 183 29.79 -23.34 -12.91
CA MET B 183 28.95 -24.21 -13.73
C MET B 183 28.92 -25.62 -13.16
N LYS B 184 30.05 -26.14 -12.72
CA LYS B 184 30.13 -27.51 -12.24
C LYS B 184 29.34 -27.67 -10.95
N TYR B 185 29.51 -26.82 -9.94
CA TYR B 185 28.86 -27.02 -8.65
C TYR B 185 27.51 -26.31 -8.60
N ALA B 186 27.21 -25.39 -9.49
CA ALA B 186 25.93 -24.70 -9.48
C ALA B 186 24.82 -25.59 -10.03
N PHE B 187 25.18 -26.57 -10.81
CA PHE B 187 24.22 -27.52 -11.36
C PHE B 187 24.70 -28.95 -11.15
N PRO B 188 24.75 -29.41 -9.88
CA PRO B 188 25.17 -30.77 -9.52
C PRO B 188 24.29 -31.85 -10.18
N VAL B 189 22.99 -31.68 -10.25
CA VAL B 189 22.08 -32.69 -10.78
C VAL B 189 22.37 -32.95 -12.26
N SER B 190 22.67 -31.92 -13.03
CA SER B 190 22.96 -32.04 -14.44
C SER B 190 24.32 -32.69 -14.67
N ASN B 191 25.35 -32.33 -13.74
CA ASN B 191 26.73 -32.76 -13.88
C ASN B 191 26.93 -34.12 -13.23
N ASN B 192 25.95 -34.55 -12.48
CA ASN B 192 25.97 -35.79 -11.72
C ASN B 192 26.92 -35.69 -10.55
N LEU B 193 26.73 -34.73 -9.71
CA LEU B 193 27.46 -34.38 -8.48
C LEU B 193 26.52 -34.31 -7.27
N PRO B 194 26.94 -34.67 -6.12
CA PRO B 194 26.02 -34.65 -4.98
C PRO B 194 25.54 -33.23 -4.64
N LEU B 195 24.26 -33.18 -4.31
CA LEU B 195 23.74 -31.91 -3.78
C LEU B 195 24.32 -31.60 -2.40
N PHE B 196 24.69 -30.42 -2.13
CA PHE B 196 25.32 -30.15 -0.85
C PHE B 196 24.50 -30.66 0.33
N ALA B 197 23.23 -30.99 0.08
CA ALA B 197 22.39 -31.49 1.15
C ALA B 197 22.98 -32.76 1.76
N PHE B 198 23.65 -33.55 0.94
CA PHE B 198 24.24 -34.80 1.41
C PHE B 198 25.65 -34.63 2.02
N GLU B 199 26.27 -33.48 1.79
CA GLU B 199 27.60 -33.22 2.33
C GLU B 199 27.57 -32.30 3.57
N TYR B 200 26.39 -31.79 3.92
CA TYR B 200 26.21 -30.95 5.10
C TYR B 200 26.24 -31.78 6.37
N LYS B 201 27.13 -31.40 7.39
CA LYS B 201 27.21 -32.22 8.59
C LYS B 201 27.19 -31.36 9.84
N GLU B 202 26.35 -30.34 9.85
CA GLU B 202 26.02 -29.62 11.06
C GLU B 202 24.98 -30.40 11.87
N VAL B 203 25.08 -30.33 13.18
CA VAL B 203 24.12 -30.99 14.06
C VAL B 203 23.26 -29.97 14.80
N PHE B 204 22.06 -30.35 15.20
CA PHE B 204 21.17 -29.43 15.89
C PHE B 204 20.48 -30.13 17.05
N PRO B 205 20.08 -29.40 18.09
CA PRO B 205 19.43 -29.88 19.31
C PRO B 205 18.19 -30.73 19.01
N GLU B 206 17.63 -30.70 17.83
CA GLU B 206 16.45 -31.49 17.51
C GLU B 206 16.40 -31.86 16.03
N ASN B 207 15.73 -32.96 15.72
CA ASN B 207 15.68 -33.39 14.33
C ASN B 207 14.31 -33.10 13.72
N GLY B 208 14.30 -32.20 12.72
CA GLY B 208 13.09 -31.82 12.03
C GLY B 208 12.34 -32.96 11.36
N TRP B 209 13.05 -34.02 10.99
CA TRP B 209 12.42 -35.16 10.33
C TRP B 209 11.44 -35.85 11.27
N LYS B 210 11.63 -35.65 12.57
CA LYS B 210 10.75 -36.28 13.56
C LYS B 210 9.59 -35.38 13.91
N LEU B 211 9.77 -34.10 13.59
CA LEU B 211 8.76 -33.09 13.87
C LEU B 211 7.35 -33.49 13.45
N TYR B 212 7.18 -33.90 12.19
CA TYR B 212 5.86 -34.28 11.71
C TYR B 212 5.57 -35.78 11.76
N ASP B 213 4.49 -36.15 12.44
CA ASP B 213 4.05 -37.52 12.55
C ASP B 213 2.61 -37.66 12.11
N PRO B 214 2.36 -38.24 10.94
CA PRO B 214 1.02 -38.38 10.38
C PRO B 214 -0.02 -38.80 11.44
N LEU B 215 0.26 -39.82 12.22
CA LEU B 215 -0.70 -40.33 13.21
C LEU B 215 -0.88 -39.34 14.38
N LEU B 216 0.21 -38.76 14.84
CA LEU B 216 0.12 -37.79 15.94
C LEU B 216 -0.71 -36.57 15.54
N GLU B 217 -0.72 -36.27 14.24
CA GLU B 217 -1.46 -35.12 13.72
C GLU B 217 -2.96 -35.43 13.63
N TYR B 218 -3.29 -36.59 13.06
CA TYR B 218 -4.69 -36.98 12.95
C TYR B 218 -5.32 -37.10 14.33
N ARG B 219 -4.50 -37.55 15.28
CA ARG B 219 -4.97 -37.67 16.65
C ARG B 219 -5.31 -36.32 17.23
N ARG B 220 -4.59 -35.29 16.78
CA ARG B 220 -4.82 -33.93 17.24
C ARG B 220 -6.16 -33.45 16.71
N GLN B 221 -6.57 -33.99 15.56
CA GLN B 221 -7.83 -33.62 14.92
C GLN B 221 -8.96 -34.54 15.37
N GLY B 222 -8.64 -35.56 16.16
CA GLY B 222 -9.66 -36.50 16.63
C GLY B 222 -9.88 -37.68 15.70
N ILE B 223 -8.97 -37.87 14.77
CA ILE B 223 -9.03 -39.02 13.84
C ILE B 223 -8.00 -40.09 14.20
N PRO B 224 -8.36 -41.36 14.11
CA PRO B 224 -9.62 -41.92 13.59
C PRO B 224 -10.78 -41.76 14.58
N ASN B 225 -11.89 -42.36 14.15
CA ASN B 225 -13.19 -42.16 14.79
C ASN B 225 -14.26 -43.05 14.16
N GLU B 226 -15.47 -42.92 14.61
CA GLU B 226 -16.55 -43.72 14.05
C GLU B 226 -16.70 -43.46 12.55
N SER B 227 -16.48 -42.22 12.07
CA SER B 227 -16.77 -41.84 10.69
C SER B 227 -15.52 -41.99 9.82
N TRP B 228 -14.30 -41.75 10.26
CA TRP B 228 -13.11 -41.83 9.41
C TRP B 228 -12.06 -42.81 9.92
N ARG B 229 -11.55 -43.64 9.03
CA ARG B 229 -10.54 -44.62 9.40
C ARG B 229 -9.21 -44.40 8.69
N ILE B 230 -8.14 -44.85 9.31
CA ILE B 230 -6.83 -44.73 8.71
C ILE B 230 -6.47 -46.02 7.95
N THR B 231 -6.33 -45.93 6.66
CA THR B 231 -6.00 -47.12 5.90
C THR B 231 -4.50 -47.21 5.66
N LYS B 232 -4.00 -48.42 5.54
CA LYS B 232 -2.59 -48.67 5.28
C LYS B 232 -2.38 -49.13 3.84
N ILE B 233 -3.47 -49.25 3.11
CA ILE B 233 -3.48 -49.75 1.74
C ILE B 233 -2.33 -49.16 0.93
N ASN B 234 -1.91 -47.94 1.18
CA ASN B 234 -0.85 -47.30 0.39
C ASN B 234 0.51 -47.22 1.12
N GLU B 235 0.75 -48.14 2.06
CA GLU B 235 2.01 -48.15 2.79
C GLU B 235 3.20 -48.34 1.86
N ARG B 236 3.00 -49.15 0.83
CA ARG B 236 4.02 -49.40 -0.17
C ARG B 236 3.84 -48.49 -1.37
N TYR B 237 2.93 -47.52 -1.20
CA TYR B 237 2.61 -46.57 -2.26
C TYR B 237 2.03 -47.26 -3.48
N GLU B 238 1.31 -48.36 -3.26
CA GLU B 238 0.70 -49.12 -4.34
C GLU B 238 -0.69 -48.64 -4.77
N LEU B 239 -1.28 -47.76 -4.11
CA LEU B 239 -2.55 -47.11 -4.46
C LEU B 239 -2.32 -45.76 -5.12
N CYS B 240 -1.25 -45.10 -4.70
CA CYS B 240 -0.85 -43.80 -5.22
C CYS B 240 0.58 -43.47 -4.81
N ASP B 241 1.45 -43.47 -5.88
CA ASP B 241 2.86 -43.30 -5.63
C ASP B 241 3.29 -41.86 -5.39
N THR B 242 2.34 -40.96 -5.34
CA THR B 242 2.63 -39.55 -5.05
C THR B 242 2.17 -39.25 -3.63
N TYR B 243 1.12 -39.96 -3.27
CA TYR B 243 0.41 -39.76 -2.02
C TYR B 243 1.16 -40.25 -0.77
N PRO B 244 0.78 -39.73 0.40
CA PRO B 244 1.48 -40.22 1.59
C PRO B 244 1.26 -41.72 1.83
N ALA B 245 1.95 -42.31 2.78
CA ALA B 245 1.81 -43.73 3.04
C ALA B 245 0.53 -44.03 3.80
N LEU B 246 0.11 -43.12 4.66
CA LEU B 246 -1.14 -43.28 5.40
C LEU B 246 -2.24 -42.37 4.83
N LEU B 247 -3.41 -42.90 4.69
CA LEU B 247 -4.54 -42.14 4.16
C LEU B 247 -5.77 -42.25 5.06
N VAL B 248 -6.41 -41.14 5.28
CA VAL B 248 -7.64 -41.14 6.07
C VAL B 248 -8.87 -41.14 5.17
N VAL B 249 -9.60 -42.22 5.20
CA VAL B 249 -10.76 -42.35 4.33
C VAL B 249 -12.02 -42.74 5.12
N PRO B 250 -13.20 -42.53 4.48
CA PRO B 250 -14.49 -42.88 5.12
C PRO B 250 -14.46 -44.28 5.73
N ALA B 251 -14.85 -44.41 6.99
CA ALA B 251 -14.81 -45.65 7.73
C ALA B 251 -15.47 -46.78 6.95
N ASN B 252 -16.72 -46.62 6.55
CA ASN B 252 -17.47 -47.64 5.84
C ASN B 252 -16.82 -48.11 4.55
N ILE B 253 -16.12 -47.22 3.85
CA ILE B 253 -15.47 -47.59 2.58
C ILE B 253 -14.27 -48.50 2.82
N PRO B 254 -14.38 -49.78 2.38
CA PRO B 254 -13.29 -50.75 2.53
C PRO B 254 -12.10 -50.44 1.61
N ASP B 255 -10.97 -51.10 1.78
CA ASP B 255 -9.80 -50.83 1.00
C ASP B 255 -9.99 -51.27 -0.44
N GLU B 256 -10.65 -52.38 -0.68
CA GLU B 256 -10.88 -52.91 -2.02
C GLU B 256 -11.50 -51.85 -2.93
N GLU B 257 -12.50 -51.14 -2.43
CA GLU B 257 -13.17 -50.09 -3.19
C GLU B 257 -12.23 -48.91 -3.40
N LEU B 258 -11.34 -48.70 -2.42
CA LEU B 258 -10.36 -47.63 -2.60
C LEU B 258 -9.57 -47.79 -3.90
N LYS B 259 -9.48 -49.07 -4.27
CA LYS B 259 -8.81 -49.38 -5.53
C LYS B 259 -9.62 -48.90 -6.72
N ARG B 260 -10.89 -49.30 -6.76
CA ARG B 260 -11.80 -48.91 -7.84
C ARG B 260 -11.91 -47.40 -7.95
N VAL B 261 -11.98 -46.72 -6.81
CA VAL B 261 -12.05 -45.26 -6.83
C VAL B 261 -10.74 -44.67 -7.30
N ALA B 262 -9.63 -45.34 -6.96
CA ALA B 262 -8.30 -44.90 -7.34
C ALA B 262 -8.13 -44.88 -8.86
N SER B 263 -8.83 -45.78 -9.55
CA SER B 263 -8.73 -45.86 -11.01
C SER B 263 -9.56 -44.77 -11.67
N PHE B 264 -10.45 -44.11 -10.93
CA PHE B 264 -11.27 -43.06 -11.51
C PHE B 264 -10.61 -41.70 -11.31
N ARG B 265 -9.77 -41.58 -10.28
CA ARG B 265 -9.07 -40.33 -10.02
C ARG B 265 -7.69 -40.34 -10.66
N SER B 266 -7.29 -39.14 -11.27
CA SER B 266 -6.08 -38.92 -12.05
C SER B 266 -4.83 -39.19 -11.23
N ARG B 267 -4.01 -40.14 -11.66
CA ARG B 267 -2.82 -40.53 -10.93
C ARG B 267 -3.16 -41.16 -9.59
N GLY B 268 -4.38 -41.60 -9.48
CA GLY B 268 -4.86 -42.37 -8.35
C GLY B 268 -5.06 -41.59 -7.07
N ARG B 269 -4.85 -40.24 -7.18
CA ARG B 269 -5.10 -39.44 -5.99
C ARG B 269 -6.58 -39.40 -5.63
N ILE B 270 -7.01 -40.43 -4.86
CA ILE B 270 -8.39 -40.51 -4.40
C ILE B 270 -8.69 -39.45 -3.35
N PRO B 271 -9.97 -38.96 -3.38
CA PRO B 271 -10.32 -38.00 -2.33
C PRO B 271 -9.96 -38.50 -0.93
N VAL B 272 -9.15 -37.79 -0.24
CA VAL B 272 -8.69 -38.25 1.06
C VAL B 272 -8.80 -37.13 2.10
N LEU B 273 -9.02 -37.49 3.35
CA LEU B 273 -9.16 -36.47 4.38
C LEU B 273 -7.92 -35.62 4.55
N SER B 274 -8.15 -34.29 4.52
CA SER B 274 -7.11 -33.34 4.90
C SER B 274 -7.38 -32.74 6.27
N TRP B 275 -8.58 -32.29 6.56
CA TRP B 275 -8.89 -31.60 7.81
C TRP B 275 -10.36 -31.80 8.21
N ILE B 276 -10.62 -31.74 9.51
CA ILE B 276 -11.98 -31.90 10.03
C ILE B 276 -12.26 -30.93 11.17
N HIS B 277 -13.48 -30.39 11.23
CA HIS B 277 -13.86 -29.42 12.25
C HIS B 277 -14.23 -30.12 13.54
N PRO B 278 -13.65 -29.68 14.69
CA PRO B 278 -13.90 -30.26 16.02
C PRO B 278 -15.37 -30.26 16.42
N GLU B 279 -16.13 -29.23 16.03
CA GLU B 279 -17.54 -29.08 16.50
C GLU B 279 -18.62 -29.61 15.53
N SER B 280 -18.52 -29.25 14.26
CA SER B 280 -19.54 -29.60 13.23
C SER B 280 -19.25 -30.92 12.53
N GLN B 281 -18.06 -31.43 12.63
CA GLN B 281 -17.53 -32.60 11.95
C GLN B 281 -17.46 -32.37 10.44
N ALA B 282 -17.41 -31.10 10.05
CA ALA B 282 -17.31 -30.84 8.63
C ALA B 282 -15.88 -31.03 8.13
N THR B 283 -15.68 -31.87 7.14
CA THR B 283 -14.35 -32.20 6.68
C THR B 283 -13.99 -31.41 5.43
N ILE B 284 -12.70 -31.57 5.11
CA ILE B 284 -12.11 -31.07 3.88
C ILE B 284 -11.21 -32.15 3.25
N THR B 285 -11.65 -32.68 2.14
CA THR B 285 -10.86 -33.72 1.51
C THR B 285 -10.24 -33.22 0.22
N ARG B 286 -9.13 -33.85 -0.21
CA ARG B 286 -8.46 -33.41 -1.43
C ARG B 286 -8.25 -34.58 -2.37
N CYS B 287 -8.17 -34.27 -3.66
CA CYS B 287 -7.99 -35.29 -4.68
C CYS B 287 -7.62 -34.65 -6.02
N SER B 288 -7.31 -35.50 -6.95
CA SER B 288 -7.08 -35.05 -8.32
C SER B 288 -8.39 -34.96 -9.10
N GLN B 289 -8.41 -34.47 -10.28
CA GLN B 289 -9.65 -34.34 -11.02
C GLN B 289 -10.23 -35.70 -11.38
N PRO B 290 -11.56 -35.76 -11.55
CA PRO B 290 -12.21 -37.02 -11.95
C PRO B 290 -11.82 -37.36 -13.37
N MET B 291 -11.89 -38.64 -13.69
CA MET B 291 -11.53 -39.14 -15.02
C MET B 291 -12.79 -39.40 -15.86
N VAL B 292 -13.61 -38.36 -15.97
CA VAL B 292 -14.90 -38.41 -16.70
C VAL B 292 -14.69 -38.46 -18.28
N GLY B 293 -13.84 -37.59 -18.86
CA GLY B 293 -13.55 -37.56 -20.34
C GLY B 293 -14.78 -37.09 -21.17
N VAL B 294 -14.64 -37.12 -22.50
CA VAL B 294 -15.74 -36.71 -23.42
C VAL B 294 -16.94 -37.65 -23.25
N SER B 295 -16.67 -38.88 -22.96
CA SER B 295 -17.66 -39.95 -22.90
C SER B 295 -18.52 -39.84 -21.65
N GLY B 296 -18.33 -38.67 -20.95
CA GLY B 296 -19.02 -38.43 -19.70
C GLY B 296 -19.22 -39.67 -18.84
N LYS B 297 -18.20 -40.51 -18.75
CA LYS B 297 -18.29 -41.73 -17.95
C LYS B 297 -18.22 -41.41 -16.47
N ARG B 298 -18.71 -42.34 -15.64
CA ARG B 298 -18.68 -42.13 -14.19
C ARG B 298 -18.47 -43.41 -13.39
N SER B 299 -17.90 -43.25 -12.20
CA SER B 299 -17.62 -44.33 -11.28
C SER B 299 -18.74 -44.52 -10.28
N LYS B 300 -19.18 -45.76 -10.12
CA LYS B 300 -20.23 -46.05 -9.15
C LYS B 300 -19.69 -45.95 -7.73
N GLU B 301 -18.40 -46.25 -7.58
CA GLU B 301 -17.76 -46.19 -6.26
C GLU B 301 -17.39 -44.75 -5.91
N ASP B 302 -17.02 -43.97 -6.93
CA ASP B 302 -16.68 -42.58 -6.70
C ASP B 302 -17.83 -41.84 -6.08
N GLU B 303 -18.96 -41.85 -6.81
CA GLU B 303 -20.17 -41.23 -6.31
C GLU B 303 -20.48 -41.68 -4.88
N LYS B 304 -20.43 -43.00 -4.72
CA LYS B 304 -20.67 -43.59 -3.41
C LYS B 304 -19.61 -43.08 -2.45
N TYR B 305 -18.38 -42.98 -2.95
CA TYR B 305 -17.33 -42.45 -2.09
C TYR B 305 -17.72 -41.11 -1.48
N LEU B 306 -17.93 -40.14 -2.37
CA LEU B 306 -18.36 -38.82 -1.91
C LEU B 306 -19.58 -38.89 -1.00
N GLN B 307 -20.46 -39.86 -1.24
CA GLN B 307 -21.67 -40.02 -0.43
C GLN B 307 -21.32 -40.33 1.02
N ALA B 308 -20.29 -41.14 1.23
CA ALA B 308 -19.87 -41.50 2.57
C ALA B 308 -19.25 -40.30 3.29
N ILE B 309 -18.58 -39.44 2.52
CA ILE B 309 -17.97 -38.25 3.09
C ILE B 309 -19.08 -37.31 3.62
N MET B 310 -20.15 -37.26 2.84
CA MET B 310 -21.30 -36.47 3.24
C MET B 310 -22.02 -37.09 4.42
N ASP B 311 -22.26 -38.39 4.29
CA ASP B 311 -22.91 -39.15 5.32
C ASP B 311 -22.13 -39.09 6.62
N SER B 312 -20.81 -38.95 6.54
CA SER B 312 -19.97 -38.88 7.73
C SER B 312 -20.24 -37.60 8.50
N ASN B 313 -20.67 -36.56 7.75
CA ASN B 313 -20.92 -35.24 8.31
C ASN B 313 -22.28 -35.20 9.00
N ALA B 314 -22.93 -36.27 9.24
CA ALA B 314 -24.31 -36.43 9.67
C ALA B 314 -25.27 -36.30 8.49
N GLN B 315 -24.81 -36.49 7.28
CA GLN B 315 -25.56 -36.45 6.03
C GLN B 315 -25.93 -35.02 5.66
N SER B 316 -25.26 -34.02 6.21
CA SER B 316 -25.69 -32.65 6.02
C SER B 316 -26.22 -32.43 4.60
N HIS B 317 -27.12 -31.42 4.43
CA HIS B 317 -27.87 -31.32 3.19
C HIS B 317 -27.18 -31.60 1.88
N LYS B 318 -25.97 -30.98 1.72
CA LYS B 318 -25.25 -31.13 0.47
C LYS B 318 -23.76 -30.86 0.67
N ILE B 319 -22.97 -31.06 -0.31
CA ILE B 319 -21.51 -31.07 -0.24
C ILE B 319 -20.89 -30.30 -1.40
N PHE B 320 -20.00 -29.38 -1.10
CA PHE B 320 -19.41 -28.54 -2.14
C PHE B 320 -18.09 -29.12 -2.62
N ILE B 321 -17.94 -29.14 -3.94
CA ILE B 321 -16.70 -29.55 -4.57
C ILE B 321 -16.00 -28.35 -5.22
N PHE B 322 -15.01 -27.81 -4.56
CA PHE B 322 -14.35 -26.65 -5.13
C PHE B 322 -13.24 -27.03 -6.10
N ASP B 323 -13.46 -26.75 -7.37
CA ASP B 323 -12.44 -26.95 -8.38
C ASP B 323 -11.59 -25.70 -8.56
N ALA B 324 -10.32 -25.73 -8.31
CA ALA B 324 -9.48 -24.54 -8.31
C ALA B 324 -9.34 -23.98 -9.72
N ARG B 325 -9.66 -24.71 -10.76
CA ARG B 325 -9.48 -24.28 -12.14
C ARG B 325 -10.62 -23.38 -12.60
N PRO B 326 -10.28 -22.51 -13.61
CA PRO B 326 -11.39 -21.73 -14.17
C PRO B 326 -12.39 -22.63 -14.92
N SER B 327 -13.55 -22.27 -15.16
CA SER B 327 -14.49 -23.17 -15.81
C SER B 327 -13.92 -23.72 -17.11
N VAL B 328 -13.48 -22.84 -18.00
CA VAL B 328 -12.92 -23.25 -19.29
C VAL B 328 -11.94 -24.42 -19.11
N ASN B 329 -10.99 -24.31 -18.16
CA ASN B 329 -9.92 -25.24 -17.88
C ASN B 329 -10.47 -26.62 -17.62
N ALA B 330 -11.25 -26.81 -16.56
CA ALA B 330 -11.78 -28.12 -16.25
C ALA B 330 -12.33 -28.81 -17.48
N VAL B 331 -13.11 -28.03 -18.24
CA VAL B 331 -13.69 -28.52 -19.49
C VAL B 331 -12.59 -28.97 -20.45
N ALA B 332 -11.52 -28.18 -20.49
CA ALA B 332 -10.39 -28.58 -21.33
C ALA B 332 -9.90 -29.97 -20.98
N ASN B 333 -9.82 -30.21 -19.65
CA ASN B 333 -9.38 -31.50 -19.14
C ASN B 333 -10.36 -32.58 -19.51
N LYS B 334 -11.65 -32.28 -19.42
CA LYS B 334 -12.70 -33.24 -19.73
C LYS B 334 -12.37 -33.92 -21.06
N ALA B 335 -12.25 -33.10 -22.12
CA ALA B 335 -11.95 -33.57 -23.46
C ALA B 335 -10.64 -34.36 -23.48
N LYS B 336 -9.87 -34.34 -22.40
CA LYS B 336 -8.59 -35.00 -22.34
C LYS B 336 -8.69 -36.29 -21.53
N GLY B 337 -9.86 -36.58 -20.97
CA GLY B 337 -10.03 -37.78 -20.18
C GLY B 337 -10.27 -37.47 -18.72
N GLY B 338 -10.11 -36.20 -18.37
CA GLY B 338 -10.31 -35.76 -17.00
C GLY B 338 -11.67 -35.10 -16.89
N GLY B 339 -11.73 -33.96 -16.20
CA GLY B 339 -13.00 -33.27 -16.06
C GLY B 339 -13.38 -32.91 -14.65
N TYR B 340 -14.71 -33.03 -14.36
CA TYR B 340 -15.19 -32.65 -13.03
C TYR B 340 -16.54 -33.30 -12.72
N GLU B 341 -17.04 -33.16 -11.53
CA GLU B 341 -18.23 -33.85 -11.07
C GLU B 341 -19.51 -33.16 -11.54
N SER B 342 -20.29 -33.85 -12.38
CA SER B 342 -21.51 -33.30 -12.96
C SER B 342 -22.67 -33.39 -11.97
N GLU B 343 -23.73 -32.51 -12.26
CA GLU B 343 -24.93 -32.35 -11.44
C GLU B 343 -25.54 -33.70 -11.08
N ASP B 344 -26.16 -34.38 -12.06
CA ASP B 344 -26.92 -35.58 -11.96
C ASP B 344 -26.07 -36.75 -11.52
N ALA B 345 -24.84 -36.87 -11.99
CA ALA B 345 -23.97 -37.94 -11.55
C ALA B 345 -23.59 -37.78 -10.08
N TYR B 346 -23.45 -36.58 -9.53
CA TYR B 346 -23.13 -36.36 -8.13
C TYR B 346 -24.28 -35.65 -7.38
N GLN B 347 -25.47 -35.93 -7.85
CA GLN B 347 -26.74 -35.32 -7.41
C GLN B 347 -26.67 -34.46 -6.12
N ASN B 348 -25.88 -34.85 -5.15
CA ASN B 348 -25.87 -34.13 -3.84
C ASN B 348 -24.68 -33.21 -3.66
N ALA B 349 -24.14 -32.65 -4.80
CA ALA B 349 -22.89 -31.92 -4.72
C ALA B 349 -22.95 -30.64 -5.53
N GLU B 350 -22.52 -29.53 -4.87
CA GLU B 350 -22.34 -28.25 -5.52
C GLU B 350 -20.93 -28.09 -6.07
N LEU B 351 -20.76 -27.85 -7.34
CA LEU B 351 -19.41 -27.75 -7.90
C LEU B 351 -19.09 -26.31 -8.30
N VAL B 352 -18.08 -25.72 -7.64
CA VAL B 352 -17.69 -24.34 -7.91
C VAL B 352 -16.30 -24.28 -8.53
N PHE B 353 -16.10 -23.26 -9.37
CA PHE B 353 -14.80 -23.02 -9.99
C PHE B 353 -14.15 -21.78 -9.39
N LEU B 354 -12.92 -21.92 -8.93
CA LEU B 354 -12.24 -20.83 -8.23
C LEU B 354 -11.41 -19.97 -9.18
N ASP B 355 -11.32 -20.25 -10.47
CA ASP B 355 -10.68 -19.47 -11.50
C ASP B 355 -9.23 -19.22 -11.17
N ILE B 356 -8.45 -20.19 -10.76
CA ILE B 356 -7.02 -20.03 -10.54
C ILE B 356 -6.24 -20.70 -11.68
N HIS B 357 -5.35 -20.00 -12.27
CA HIS B 357 -4.71 -20.41 -13.51
C HIS B 357 -3.65 -21.47 -13.26
N ASN B 358 -3.02 -21.97 -14.30
CA ASN B 358 -2.02 -23.03 -14.20
C ASN B 358 -0.62 -22.46 -14.06
N ILE B 359 0.35 -23.38 -13.85
CA ILE B 359 1.76 -23.10 -13.57
C ILE B 359 2.35 -22.15 -14.61
N HIS B 360 2.13 -22.36 -15.89
CA HIS B 360 2.67 -21.50 -16.93
C HIS B 360 2.19 -20.07 -16.76
N VAL B 361 0.89 -19.92 -16.47
CA VAL B 361 0.31 -18.60 -16.28
C VAL B 361 0.92 -17.91 -15.07
N MET B 362 1.29 -18.70 -14.08
CA MET B 362 1.89 -18.14 -12.87
C MET B 362 3.35 -17.79 -13.10
N ARG B 363 4.16 -18.71 -13.65
CA ARG B 363 5.55 -18.43 -13.90
C ARG B 363 5.72 -17.12 -14.65
N GLU B 364 4.82 -16.91 -15.61
CA GLU B 364 4.86 -15.71 -16.44
C GLU B 364 4.52 -14.48 -15.60
N SER B 365 3.63 -14.67 -14.64
CA SER B 365 3.29 -13.56 -13.76
C SER B 365 4.51 -13.10 -12.95
N LEU B 366 5.19 -14.10 -12.39
CA LEU B 366 6.39 -13.81 -11.61
C LEU B 366 7.51 -13.27 -12.47
N ARG B 367 7.54 -13.68 -13.74
CA ARG B 367 8.57 -13.22 -14.65
C ARG B 367 8.45 -11.73 -14.91
N LYS B 368 7.23 -11.25 -15.10
CA LYS B 368 7.00 -9.83 -15.35
C LYS B 368 7.24 -9.05 -14.07
N LEU B 369 7.04 -9.70 -12.92
CA LEU B 369 7.25 -9.03 -11.64
C LEU B 369 8.72 -8.75 -11.29
N LYS B 370 9.62 -9.66 -11.65
CA LYS B 370 11.05 -9.47 -11.38
C LYS B 370 11.63 -8.43 -12.33
N GLU B 371 10.92 -8.16 -13.42
CA GLU B 371 11.42 -7.25 -14.45
C GLU B 371 11.14 -5.80 -14.07
N ILE B 372 10.11 -5.50 -13.30
CA ILE B 372 9.82 -4.12 -12.95
C ILE B 372 10.31 -3.79 -11.54
N VAL B 373 10.82 -4.83 -10.87
CA VAL B 373 11.28 -4.69 -9.51
C VAL B 373 12.81 -4.66 -9.45
N TYR B 374 13.49 -5.46 -10.24
CA TYR B 374 14.95 -5.49 -10.23
C TYR B 374 15.53 -5.06 -11.57
N PRO B 375 16.57 -4.24 -11.57
CA PRO B 375 17.21 -3.71 -10.37
C PRO B 375 16.61 -2.38 -9.92
N ASN B 376 16.40 -1.48 -10.88
CA ASN B 376 15.84 -0.17 -10.57
C ASN B 376 14.36 -0.14 -10.89
N ILE B 377 13.58 0.54 -10.03
CA ILE B 377 12.15 0.64 -10.21
C ILE B 377 11.78 1.99 -10.85
N GLU B 378 11.02 1.90 -11.95
CA GLU B 378 10.52 3.12 -12.57
C GLU B 378 9.25 3.62 -11.87
N GLU B 379 9.33 4.69 -11.14
CA GLU B 379 8.26 5.19 -10.27
C GLU B 379 7.05 5.63 -11.10
N THR B 380 7.17 6.46 -12.10
CA THR B 380 6.08 7.04 -12.88
C THR B 380 5.02 6.00 -13.19
N HIS B 381 5.28 4.76 -13.34
CA HIS B 381 4.31 3.77 -13.80
C HIS B 381 4.36 2.53 -12.93
N TRP B 382 4.72 2.71 -11.67
CA TRP B 382 4.76 1.61 -10.72
C TRP B 382 3.42 0.90 -10.56
N LEU B 383 2.34 1.65 -10.33
CA LEU B 383 1.02 1.03 -10.16
C LEU B 383 0.58 0.25 -11.39
N SER B 384 0.72 0.86 -12.57
CA SER B 384 0.36 0.19 -13.82
C SER B 384 1.20 -1.07 -14.03
N ASN B 385 2.53 -0.88 -14.03
CA ASN B 385 3.42 -2.01 -14.24
C ASN B 385 3.09 -3.14 -13.29
N LEU B 386 2.90 -2.81 -12.02
CA LEU B 386 2.56 -3.84 -11.04
C LEU B 386 1.24 -4.53 -11.40
N GLU B 387 0.27 -3.77 -11.92
CA GLU B 387 -1.02 -4.33 -12.29
C GLU B 387 -0.89 -5.27 -13.48
N SER B 388 0.06 -4.96 -14.35
CA SER B 388 0.32 -5.69 -15.57
C SER B 388 0.89 -7.07 -15.30
N THR B 389 1.51 -7.31 -14.15
CA THR B 389 2.05 -8.62 -13.85
C THR B 389 0.96 -9.55 -13.38
N HIS B 390 0.00 -8.95 -12.80
CA HIS B 390 -1.14 -9.72 -12.33
C HIS B 390 -0.74 -10.66 -11.21
N TRP B 391 0.30 -10.36 -10.49
CA TRP B 391 0.72 -11.11 -9.32
C TRP B 391 -0.23 -10.92 -8.16
N LEU B 392 -0.53 -9.65 -7.97
CA LEU B 392 -1.51 -9.42 -6.90
C LEU B 392 -2.88 -9.97 -7.27
N GLU B 393 -3.22 -10.03 -8.54
CA GLU B 393 -4.52 -10.58 -8.92
C GLU B 393 -4.60 -12.08 -8.64
N HIS B 394 -3.50 -12.78 -8.87
CA HIS B 394 -3.46 -14.22 -8.61
C HIS B 394 -3.45 -14.53 -7.12
N ILE B 395 -2.76 -13.70 -6.34
CA ILE B 395 -2.78 -13.88 -4.89
C ILE B 395 -4.18 -13.70 -4.32
N LYS B 396 -4.91 -12.77 -4.95
CA LYS B 396 -6.28 -12.51 -4.55
C LYS B 396 -7.09 -13.77 -4.82
N LEU B 397 -7.15 -14.18 -6.07
CA LEU B 397 -7.90 -15.38 -6.46
C LEU B 397 -7.59 -16.57 -5.56
N ILE B 398 -6.31 -16.79 -5.25
CA ILE B 398 -5.90 -17.90 -4.40
C ILE B 398 -6.46 -17.73 -2.99
N LEU B 399 -6.19 -16.58 -2.38
CA LEU B 399 -6.76 -16.31 -1.05
C LEU B 399 -8.29 -16.35 -1.08
N ALA B 400 -8.84 -15.61 -2.07
CA ALA B 400 -10.28 -15.60 -2.24
C ALA B 400 -10.85 -17.01 -2.23
N GLY B 401 -10.15 -17.85 -3.00
CA GLY B 401 -10.53 -19.25 -3.09
C GLY B 401 -10.48 -20.01 -1.78
N ALA B 402 -9.52 -19.69 -0.90
CA ALA B 402 -9.46 -20.37 0.38
C ALA B 402 -10.58 -19.90 1.31
N LEU B 403 -10.90 -18.61 1.18
CA LEU B 403 -11.99 -18.01 1.97
C LEU B 403 -13.31 -18.74 1.73
N ARG B 404 -13.63 -19.00 0.47
CA ARG B 404 -14.85 -19.72 0.19
C ARG B 404 -14.83 -21.06 0.92
N ILE B 405 -13.85 -21.90 0.60
CA ILE B 405 -13.70 -23.22 1.19
C ILE B 405 -13.76 -23.14 2.72
N ALA B 406 -12.98 -22.25 3.32
CA ALA B 406 -12.97 -22.13 4.76
C ALA B 406 -14.36 -21.76 5.29
N ASP B 407 -15.01 -20.87 4.56
CA ASP B 407 -16.33 -20.41 4.95
C ASP B 407 -17.39 -21.49 4.85
N LYS B 408 -17.33 -22.28 3.78
CA LYS B 408 -18.30 -23.34 3.59
C LYS B 408 -18.17 -24.38 4.69
N VAL B 409 -17.02 -24.39 5.36
CA VAL B 409 -16.78 -25.36 6.43
C VAL B 409 -17.07 -24.74 7.79
N GLU B 410 -16.74 -23.46 7.95
CA GLU B 410 -16.94 -22.78 9.21
C GLU B 410 -18.38 -22.36 9.39
N SER B 411 -19.05 -21.95 8.36
CA SER B 411 -20.37 -21.34 8.41
C SER B 411 -21.42 -22.30 7.89
N GLY B 412 -21.24 -22.69 6.69
CA GLY B 412 -22.26 -23.62 6.20
C GLY B 412 -22.19 -24.96 6.87
N LYS B 413 -21.12 -25.30 7.60
CA LYS B 413 -20.92 -26.56 8.27
C LYS B 413 -20.96 -27.71 7.27
N THR B 414 -20.41 -27.32 6.11
CA THR B 414 -20.49 -28.32 5.05
C THR B 414 -19.10 -28.81 4.67
N SER B 415 -19.01 -30.12 4.47
CA SER B 415 -17.76 -30.69 3.98
C SER B 415 -17.49 -30.28 2.53
N VAL B 416 -16.30 -29.94 2.24
CA VAL B 416 -15.95 -29.55 0.90
C VAL B 416 -14.91 -30.49 0.29
N VAL B 417 -14.84 -30.52 -0.95
CA VAL B 417 -13.84 -31.30 -1.65
C VAL B 417 -13.08 -30.45 -2.65
N VAL B 418 -11.84 -30.25 -2.39
CA VAL B 418 -11.04 -29.40 -3.26
C VAL B 418 -10.16 -30.24 -4.19
N HIS B 419 -10.21 -29.96 -5.40
CA HIS B 419 -9.31 -30.50 -6.41
C HIS B 419 -9.04 -29.72 -7.66
N SER B 420 -8.14 -30.26 -8.44
CA SER B 420 -7.74 -29.62 -9.68
C SER B 420 -7.33 -30.66 -10.72
N SER B 421 -6.51 -30.24 -11.67
CA SER B 421 -6.02 -31.16 -12.69
C SER B 421 -5.29 -32.35 -12.06
N ASP B 422 -4.06 -32.20 -11.43
CA ASP B 422 -3.31 -33.23 -10.77
C ASP B 422 -3.58 -33.25 -9.28
N GLY B 423 -3.90 -32.09 -8.70
CA GLY B 423 -4.19 -32.02 -7.27
C GLY B 423 -2.97 -31.93 -6.36
N TRP B 424 -1.90 -31.30 -6.84
CA TRP B 424 -0.69 -31.13 -6.05
C TRP B 424 -0.12 -29.73 -6.09
N ASP B 425 -0.79 -28.82 -6.80
CA ASP B 425 -0.35 -27.43 -6.89
C ASP B 425 -1.40 -26.49 -6.27
N ARG B 426 -2.41 -26.16 -7.04
CA ARG B 426 -3.47 -25.29 -6.54
C ARG B 426 -4.23 -25.92 -5.39
N THR B 427 -4.28 -27.24 -5.35
CA THR B 427 -4.98 -27.91 -4.26
C THR B 427 -4.25 -27.70 -2.94
N ALA B 428 -2.91 -27.73 -3.03
CA ALA B 428 -2.06 -27.56 -1.88
C ALA B 428 -2.18 -26.15 -1.31
N GLN B 429 -2.22 -25.17 -2.22
CA GLN B 429 -2.36 -23.77 -1.81
C GLN B 429 -3.68 -23.53 -1.10
N LEU B 430 -4.73 -24.10 -1.67
CA LEU B 430 -6.10 -23.96 -1.15
C LEU B 430 -6.26 -24.65 0.20
N THR B 431 -5.99 -25.96 0.32
CA THR B 431 -6.18 -26.62 1.59
C THR B 431 -5.29 -26.00 2.66
N SER B 432 -4.02 -25.78 2.32
CA SER B 432 -3.09 -25.17 3.26
C SER B 432 -3.61 -23.81 3.73
N LEU B 433 -4.05 -22.99 2.79
CA LEU B 433 -4.57 -21.69 3.14
C LEU B 433 -5.87 -21.74 3.98
N ALA B 434 -6.84 -22.54 3.55
CA ALA B 434 -8.07 -22.62 4.34
C ALA B 434 -7.79 -23.16 5.73
N MET B 435 -6.90 -24.14 5.79
CA MET B 435 -6.55 -24.74 7.07
C MET B 435 -5.97 -23.70 8.02
N LEU B 436 -5.16 -22.78 7.51
CA LEU B 436 -4.60 -21.73 8.36
C LEU B 436 -5.73 -20.87 8.91
N MET B 437 -6.73 -20.61 8.07
CA MET B 437 -7.87 -19.81 8.48
C MET B 437 -8.66 -20.50 9.58
N LEU B 438 -8.91 -21.80 9.41
CA LEU B 438 -9.68 -22.57 10.37
C LEU B 438 -8.97 -22.99 11.65
N ASP B 439 -7.76 -23.59 11.55
CA ASP B 439 -7.10 -24.13 12.71
C ASP B 439 -5.89 -23.29 13.09
N GLY B 440 -5.95 -22.70 14.31
CA GLY B 440 -4.85 -21.90 14.83
C GLY B 440 -3.58 -22.66 15.15
N TYR B 441 -3.68 -24.00 15.21
CA TYR B 441 -2.51 -24.81 15.48
C TYR B 441 -1.45 -24.54 14.41
N TYR B 442 -1.86 -24.49 13.14
CA TYR B 442 -0.95 -24.28 12.03
C TYR B 442 -0.40 -22.85 12.06
N ARG B 443 -0.93 -22.01 12.93
CA ARG B 443 -0.47 -20.62 13.03
C ARG B 443 0.71 -20.52 13.96
N THR B 444 1.04 -21.62 14.59
CA THR B 444 2.23 -21.64 15.42
C THR B 444 3.44 -22.10 14.63
N ILE B 445 4.59 -21.72 14.98
CA ILE B 445 5.78 -22.09 14.23
C ILE B 445 5.76 -23.61 13.95
N ARG B 446 5.63 -24.44 14.96
CA ARG B 446 5.64 -25.88 14.76
C ARG B 446 4.46 -26.34 13.93
N GLY B 447 3.31 -25.72 14.17
CA GLY B 447 2.13 -26.09 13.42
C GLY B 447 2.31 -25.84 11.94
N PHE B 448 2.90 -24.69 11.61
CA PHE B 448 3.12 -24.33 10.23
C PHE B 448 4.07 -25.30 9.55
N GLU B 449 5.10 -25.69 10.29
CA GLU B 449 6.06 -26.67 9.77
C GLU B 449 5.38 -28.00 9.48
N VAL B 450 4.51 -28.37 10.43
CA VAL B 450 3.77 -29.59 10.21
C VAL B 450 2.90 -29.48 8.96
N LEU B 451 2.34 -28.27 8.76
CA LEU B 451 1.47 -28.00 7.61
C LEU B 451 2.20 -28.26 6.29
N VAL B 452 3.38 -27.67 6.17
CA VAL B 452 4.19 -27.86 4.98
C VAL B 452 4.51 -29.34 4.76
N GLU B 453 5.05 -30.01 5.78
CA GLU B 453 5.41 -31.42 5.70
C GLU B 453 4.20 -32.27 5.32
N LYS B 454 2.94 -31.87 5.67
CA LYS B 454 1.73 -32.69 5.54
C LYS B 454 1.03 -32.41 4.23
N GLU B 455 0.77 -31.11 3.96
CA GLU B 455 -0.06 -30.75 2.82
C GLU B 455 0.78 -30.56 1.56
N TRP B 456 2.02 -30.15 1.74
CA TRP B 456 2.90 -29.94 0.59
C TRP B 456 3.87 -31.07 0.27
N LEU B 457 4.57 -31.54 1.29
CA LEU B 457 5.61 -32.56 1.13
C LEU B 457 5.02 -33.96 1.03
N SER B 458 4.30 -34.44 2.03
CA SER B 458 3.79 -35.82 1.99
C SER B 458 2.75 -35.97 0.88
N PHE B 459 2.05 -34.91 0.49
CA PHE B 459 0.99 -35.06 -0.49
C PHE B 459 1.47 -34.86 -1.93
N GLY B 460 2.77 -34.76 -2.08
CA GLY B 460 3.42 -34.79 -3.40
C GLY B 460 3.48 -33.48 -4.22
N HIS B 461 3.77 -32.33 -3.63
CA HIS B 461 4.05 -31.21 -4.52
C HIS B 461 5.46 -31.45 -5.07
N ARG B 462 5.55 -31.38 -6.39
CA ARG B 462 6.81 -31.64 -7.11
C ARG B 462 7.78 -30.46 -7.02
N PHE B 463 8.42 -30.38 -5.87
CA PHE B 463 9.37 -29.30 -5.60
C PHE B 463 10.62 -29.45 -6.45
N GLN B 464 11.19 -30.66 -6.67
CA GLN B 464 12.32 -30.85 -7.57
C GLN B 464 11.99 -30.36 -8.97
N LEU B 465 10.84 -30.77 -9.47
CA LEU B 465 10.40 -30.40 -10.81
C LEU B 465 10.01 -28.92 -10.87
N ARG B 466 9.23 -28.47 -9.91
CA ARG B 466 8.76 -27.08 -9.87
C ARG B 466 9.86 -26.07 -9.60
N VAL B 467 10.83 -26.47 -8.78
CA VAL B 467 11.94 -25.59 -8.46
C VAL B 467 13.18 -25.94 -9.28
N GLY B 468 13.28 -27.21 -9.66
CA GLY B 468 14.38 -27.68 -10.46
C GLY B 468 15.76 -27.52 -9.84
N HIS B 469 15.98 -28.12 -8.68
CA HIS B 469 17.25 -28.04 -7.99
C HIS B 469 18.39 -28.46 -8.89
N GLY B 470 19.47 -27.65 -8.89
CA GLY B 470 20.66 -27.94 -9.70
C GLY B 470 20.44 -28.49 -11.11
N ASP B 471 19.60 -27.85 -11.89
CA ASP B 471 19.35 -28.25 -13.26
C ASP B 471 19.63 -27.12 -14.23
N LYS B 472 20.51 -27.33 -15.19
CA LYS B 472 20.94 -26.30 -16.12
C LYS B 472 19.82 -25.83 -17.05
N ASN B 473 18.73 -26.56 -17.06
CA ASN B 473 17.59 -26.21 -17.90
C ASN B 473 16.75 -25.17 -17.18
N HIS B 474 16.95 -23.92 -17.57
CA HIS B 474 16.22 -22.80 -16.97
C HIS B 474 14.96 -22.48 -17.74
N ALA B 475 14.92 -22.96 -19.00
CA ALA B 475 13.75 -22.72 -19.83
C ALA B 475 12.66 -23.75 -19.57
N ASP B 476 12.96 -24.76 -18.75
CA ASP B 476 11.96 -25.75 -18.43
C ASP B 476 10.63 -25.12 -18.13
N ALA B 477 9.56 -25.64 -18.70
CA ALA B 477 8.23 -25.08 -18.52
C ALA B 477 7.46 -25.80 -17.42
N ASP B 478 8.19 -26.64 -16.68
CA ASP B 478 7.61 -27.33 -15.57
C ASP B 478 7.82 -26.58 -14.27
N ARG B 479 8.71 -25.59 -14.38
CA ARG B 479 9.03 -24.77 -13.21
C ARG B 479 8.01 -23.67 -13.01
N SER B 480 7.56 -23.55 -11.82
CA SER B 480 6.60 -22.53 -11.43
C SER B 480 6.68 -22.21 -9.94
N PRO B 481 6.52 -20.97 -9.55
CA PRO B 481 6.63 -20.55 -8.15
C PRO B 481 5.34 -20.82 -7.36
N VAL B 482 4.77 -21.99 -7.51
CA VAL B 482 3.53 -22.36 -6.84
C VAL B 482 3.67 -22.25 -5.32
N PHE B 483 4.76 -22.73 -4.75
CA PHE B 483 4.97 -22.70 -3.31
C PHE B 483 5.25 -21.30 -2.80
N LEU B 484 6.11 -20.58 -3.52
CA LEU B 484 6.43 -19.22 -3.14
C LEU B 484 5.11 -18.43 -3.06
N GLN B 485 4.26 -18.63 -4.06
CA GLN B 485 2.93 -18.02 -4.15
C GLN B 485 2.18 -18.25 -2.83
N PHE B 486 2.16 -19.50 -2.39
CA PHE B 486 1.53 -19.87 -1.14
C PHE B 486 2.12 -19.05 0.01
N ILE B 487 3.44 -19.10 0.14
CA ILE B 487 4.11 -18.33 1.19
C ILE B 487 3.75 -16.85 1.13
N ASP B 488 3.55 -16.35 -0.10
CA ASP B 488 3.19 -14.94 -0.29
C ASP B 488 1.81 -14.67 0.32
N CYS B 489 0.89 -15.61 0.11
CA CYS B 489 -0.44 -15.49 0.67
C CYS B 489 -0.38 -15.42 2.20
N VAL B 490 0.40 -16.35 2.79
CA VAL B 490 0.56 -16.39 4.23
C VAL B 490 1.09 -15.06 4.75
N TRP B 491 2.04 -14.48 4.01
CA TRP B 491 2.59 -13.20 4.43
C TRP B 491 1.47 -12.17 4.42
N GLN B 492 0.61 -12.26 3.40
CA GLN B 492 -0.53 -11.36 3.36
C GLN B 492 -1.36 -11.45 4.65
N MET B 493 -1.56 -12.70 5.12
CA MET B 493 -2.35 -12.92 6.32
C MET B 493 -1.63 -12.41 7.56
N THR B 494 -0.30 -12.43 7.61
CA THR B 494 0.39 -11.96 8.79
C THR B 494 0.35 -10.44 8.82
N ARG B 495 0.02 -9.85 7.66
CA ARG B 495 -0.06 -8.40 7.52
C ARG B 495 -1.42 -7.90 7.94
N GLN B 496 -2.45 -8.63 7.57
CA GLN B 496 -3.82 -8.28 7.91
C GLN B 496 -4.14 -8.72 9.35
N PHE B 497 -3.38 -9.65 9.87
CA PHE B 497 -3.52 -10.09 11.25
C PHE B 497 -2.17 -10.18 11.94
N PRO B 498 -1.51 -9.07 12.23
CA PRO B 498 -0.18 -8.91 12.81
C PRO B 498 0.00 -9.54 14.17
N THR B 499 -0.99 -10.28 14.67
CA THR B 499 -0.84 -10.89 15.99
C THR B 499 -1.16 -12.39 15.98
N ALA B 500 -1.91 -12.83 15.00
CA ALA B 500 -2.38 -14.23 14.98
C ALA B 500 -1.32 -15.26 14.64
N PHE B 501 -0.11 -14.89 14.24
CA PHE B 501 0.92 -15.87 13.88
C PHE B 501 2.12 -15.76 14.80
N GLU B 502 2.58 -16.94 15.25
CA GLU B 502 3.75 -17.05 16.13
C GLU B 502 5.05 -16.85 15.39
N PHE B 503 5.02 -16.99 14.06
CA PHE B 503 6.23 -16.80 13.28
C PHE B 503 6.19 -15.44 12.60
N ASN B 504 7.27 -14.92 12.24
CA ASN B 504 7.41 -13.59 11.66
C ASN B 504 7.87 -13.66 10.20
N GLU B 505 7.96 -12.46 9.59
CA GLU B 505 8.30 -12.38 8.17
C GLU B 505 9.57 -13.16 7.86
N TYR B 506 10.63 -12.80 8.58
CA TYR B 506 11.94 -13.42 8.42
C TYR B 506 11.83 -14.94 8.27
N PHE B 507 11.04 -15.54 9.16
CA PHE B 507 10.81 -16.98 9.10
C PHE B 507 10.39 -17.43 7.71
N LEU B 508 9.37 -16.74 7.17
CA LEU B 508 8.83 -17.06 5.85
C LEU B 508 9.87 -16.84 4.75
N ILE B 509 10.74 -15.85 4.92
CA ILE B 509 11.77 -15.56 3.94
C ILE B 509 12.90 -16.60 4.02
N THR B 510 13.19 -16.99 5.26
CA THR B 510 14.19 -18.04 5.43
C THR B 510 13.78 -19.31 4.68
N ILE B 511 12.46 -19.60 4.79
CA ILE B 511 11.86 -20.75 4.15
C ILE B 511 12.02 -20.65 2.62
N LEU B 512 11.79 -19.46 2.10
CA LEU B 512 11.99 -19.28 0.66
C LEU B 512 13.46 -19.42 0.25
N ASP B 513 14.33 -18.97 1.18
CA ASP B 513 15.74 -19.08 0.96
C ASP B 513 16.18 -20.52 0.87
N HIS B 514 15.65 -21.39 1.71
CA HIS B 514 16.09 -22.77 1.67
C HIS B 514 15.25 -23.58 0.68
N LEU B 515 14.41 -22.91 -0.05
CA LEU B 515 13.68 -23.60 -1.12
C LEU B 515 14.58 -23.84 -2.33
N TYR B 516 15.56 -22.88 -2.43
CA TYR B 516 16.52 -22.88 -3.53
C TYR B 516 17.89 -23.35 -3.04
N SER B 517 18.30 -23.09 -1.81
CA SER B 517 19.63 -23.37 -1.27
C SER B 517 20.00 -24.84 -1.30
N CYS B 518 19.04 -25.69 -1.11
CA CYS B 518 19.31 -27.12 -1.10
C CYS B 518 20.43 -27.41 -0.10
N LEU B 519 20.35 -26.68 1.00
CA LEU B 519 21.22 -26.86 2.16
C LEU B 519 20.62 -28.03 2.94
N PHE B 520 19.29 -28.15 2.89
CA PHE B 520 18.60 -29.22 3.57
C PHE B 520 17.92 -30.13 2.53
N GLY B 521 17.41 -31.26 2.97
CA GLY B 521 16.74 -32.14 2.02
C GLY B 521 15.25 -31.96 2.12
N THR B 522 14.83 -31.07 2.99
CA THR B 522 13.44 -30.76 3.28
C THR B 522 12.66 -30.55 1.99
N PHE B 523 13.14 -29.80 1.02
CA PHE B 523 12.40 -29.52 -0.21
C PHE B 523 12.90 -30.22 -1.47
N LEU B 524 13.43 -31.38 -1.29
CA LEU B 524 13.97 -32.14 -2.41
C LEU B 524 13.00 -33.22 -2.88
N CYS B 525 13.29 -33.72 -4.06
CA CYS B 525 12.52 -34.79 -4.69
C CYS B 525 11.17 -34.27 -5.24
N ASN B 526 10.22 -35.20 -5.33
CA ASN B 526 8.89 -34.89 -5.87
C ASN B 526 7.76 -35.42 -4.97
N SER B 527 8.03 -36.53 -4.31
CA SER B 527 7.02 -37.18 -3.47
C SER B 527 7.60 -37.74 -2.18
N GLU B 528 6.76 -38.32 -1.35
CA GLU B 528 7.19 -38.91 -0.09
C GLU B 528 7.98 -40.17 -0.45
N GLN B 529 7.41 -40.99 -1.33
CA GLN B 529 8.05 -42.23 -1.76
C GLN B 529 9.50 -42.05 -2.23
N GLN B 530 9.77 -40.99 -3.00
CA GLN B 530 11.14 -40.77 -3.45
C GLN B 530 12.06 -40.43 -2.28
N ARG B 531 11.60 -39.51 -1.45
CA ARG B 531 12.36 -39.08 -0.27
C ARG B 531 12.75 -40.26 0.58
N GLY B 532 11.95 -41.31 0.52
CA GLY B 532 12.23 -42.52 1.29
C GLY B 532 13.24 -43.40 0.56
N LYS B 533 13.07 -43.51 -0.74
CA LYS B 533 13.96 -44.32 -1.56
C LYS B 533 15.38 -43.77 -1.54
N GLU B 534 15.49 -42.38 -1.30
CA GLU B 534 16.76 -41.71 -1.06
C GLU B 534 17.11 -41.70 0.43
N ASN B 535 16.18 -42.02 1.33
CA ASN B 535 16.39 -42.01 2.77
C ASN B 535 16.84 -40.63 3.26
N LEU B 536 16.12 -39.49 2.83
CA LEU B 536 16.50 -38.11 3.16
C LEU B 536 16.62 -37.92 4.67
N PRO B 537 15.68 -38.39 5.49
CA PRO B 537 15.68 -38.22 6.95
C PRO B 537 16.98 -38.70 7.60
N LYS B 538 17.78 -39.50 6.89
CA LYS B 538 19.00 -40.03 7.46
C LYS B 538 20.22 -39.56 6.68
N ARG B 539 20.05 -38.98 5.52
CA ARG B 539 21.20 -38.55 4.73
C ARG B 539 21.32 -37.04 4.59
N THR B 540 20.27 -36.34 4.99
CA THR B 540 20.24 -34.89 4.92
C THR B 540 19.63 -34.31 6.19
N VAL B 541 19.90 -33.04 6.44
CA VAL B 541 19.36 -32.36 7.60
C VAL B 541 18.07 -31.62 7.25
N SER B 542 17.12 -31.61 8.18
CA SER B 542 15.84 -30.96 8.00
C SER B 542 15.91 -29.47 8.34
N LEU B 543 15.29 -28.64 7.50
CA LEU B 543 15.29 -27.20 7.70
C LEU B 543 14.79 -26.77 9.08
N TRP B 544 13.81 -27.51 9.62
CA TRP B 544 13.24 -27.19 10.92
C TRP B 544 14.26 -27.45 12.03
N SER B 545 15.18 -28.38 11.77
CA SER B 545 16.24 -28.64 12.74
C SER B 545 17.10 -27.40 12.96
N TYR B 546 17.19 -26.64 11.87
CA TYR B 546 17.92 -25.38 11.95
C TYR B 546 17.03 -24.27 12.51
N ILE B 547 15.89 -24.07 11.86
CA ILE B 547 14.93 -23.04 12.29
C ILE B 547 14.57 -23.14 13.77
N ASN B 548 14.29 -24.34 14.29
CA ASN B 548 13.87 -24.51 15.66
C ASN B 548 15.05 -24.33 16.60
N SER B 549 16.23 -24.01 16.14
CA SER B 549 17.40 -23.77 16.99
C SER B 549 17.52 -22.31 17.37
N GLN B 550 16.96 -21.46 16.56
CA GLN B 550 16.99 -20.01 16.74
C GLN B 550 15.59 -19.42 16.76
N LEU B 551 14.58 -20.11 17.09
CA LEU B 551 13.17 -19.70 17.19
C LEU B 551 13.03 -18.29 17.76
N GLU B 552 14.09 -17.66 18.21
CA GLU B 552 14.07 -16.28 18.74
C GLU B 552 14.15 -15.29 17.57
N ASP B 553 14.73 -15.73 16.47
CA ASP B 553 14.88 -14.87 15.29
C ASP B 553 13.66 -15.00 14.41
N PHE B 554 12.87 -16.08 14.65
CA PHE B 554 11.71 -16.38 13.83
C PHE B 554 10.43 -16.13 14.60
N THR B 555 10.43 -15.63 15.82
CA THR B 555 9.20 -15.45 16.59
C THR B 555 8.64 -14.06 16.41
N ASN B 556 7.28 -14.01 16.40
CA ASN B 556 6.52 -12.77 16.33
C ASN B 556 6.29 -12.20 17.72
N PRO B 557 6.96 -11.11 18.07
CA PRO B 557 6.84 -10.54 19.43
C PRO B 557 5.40 -10.19 19.79
N LEU B 558 4.58 -9.82 18.81
CA LEU B 558 3.19 -9.42 19.07
C LEU B 558 2.26 -10.63 19.13
N TYR B 559 2.71 -11.80 18.69
CA TYR B 559 1.83 -12.95 18.69
C TYR B 559 1.19 -13.17 20.05
N GLY B 560 -0.08 -13.70 19.99
CA GLY B 560 -0.84 -13.95 21.20
C GLY B 560 -2.00 -12.99 21.44
N SER B 561 -1.85 -11.75 20.99
CA SER B 561 -2.88 -10.73 21.16
C SER B 561 -4.31 -11.23 20.99
N TYR B 562 -4.54 -11.98 19.91
CA TYR B 562 -5.87 -12.52 19.63
C TYR B 562 -6.05 -13.96 20.09
N SER B 563 -7.20 -14.46 19.94
CA SER B 563 -7.54 -15.83 20.35
C SER B 563 -7.33 -16.81 19.21
N ASN B 564 -7.60 -18.09 19.46
CA ASN B 564 -7.38 -19.23 18.59
C ASN B 564 -8.37 -19.23 17.42
N HIS B 565 -9.17 -18.21 17.24
CA HIS B 565 -10.28 -18.26 16.31
C HIS B 565 -10.01 -18.13 14.83
N VAL B 566 -11.01 -18.08 13.98
CA VAL B 566 -10.94 -18.17 12.52
C VAL B 566 -10.58 -16.82 11.91
N LEU B 567 -9.51 -16.80 11.13
CA LEU B 567 -9.08 -15.56 10.48
C LEU B 567 -9.68 -15.45 9.10
N TYR B 568 -10.26 -14.29 8.81
CA TYR B 568 -10.86 -14.04 7.51
C TYR B 568 -10.22 -12.80 6.91
N PRO B 569 -9.18 -13.00 6.09
CA PRO B 569 -8.50 -11.90 5.42
C PRO B 569 -9.32 -11.33 4.24
N VAL B 570 -9.03 -10.14 3.84
CA VAL B 570 -9.77 -9.56 2.72
C VAL B 570 -9.02 -9.78 1.42
N ALA B 571 -9.75 -10.35 0.38
CA ALA B 571 -9.00 -10.80 -0.78
C ALA B 571 -8.99 -9.73 -1.88
N SER B 572 -8.91 -8.48 -1.48
CA SER B 572 -9.08 -7.35 -2.41
C SER B 572 -7.76 -6.63 -2.77
N MET B 573 -7.75 -6.11 -3.99
CA MET B 573 -6.62 -5.37 -4.52
C MET B 573 -6.40 -4.09 -3.73
N ARG B 574 -7.32 -3.82 -2.80
CA ARG B 574 -7.23 -2.65 -1.93
C ARG B 574 -6.65 -3.04 -0.58
N HIS B 575 -6.42 -4.35 -0.34
CA HIS B 575 -5.94 -4.82 0.95
C HIS B 575 -4.64 -5.59 0.79
N LEU B 576 -4.43 -6.27 -0.32
CA LEU B 576 -3.21 -7.03 -0.56
C LEU B 576 -2.02 -6.12 -0.88
N GLU B 577 -0.87 -6.46 -0.38
CA GLU B 577 0.30 -5.63 -0.63
C GLU B 577 1.35 -6.39 -1.44
N LEU B 578 2.26 -5.66 -2.02
CA LEU B 578 3.38 -6.30 -2.71
C LEU B 578 4.51 -6.61 -1.73
N TRP B 579 4.69 -7.92 -1.48
CA TRP B 579 5.77 -8.25 -0.57
C TRP B 579 7.10 -7.74 -1.05
N VAL B 580 7.35 -6.43 -0.53
CA VAL B 580 8.61 -5.74 -0.77
C VAL B 580 9.75 -6.42 -0.01
N GLY B 581 9.41 -7.08 1.10
CA GLY B 581 10.41 -7.74 1.90
C GLY B 581 11.14 -8.88 1.22
N TYR B 582 10.50 -9.47 0.16
CA TYR B 582 11.13 -10.59 -0.53
C TYR B 582 11.33 -10.29 -2.00
N TYR B 583 10.48 -9.44 -2.62
CA TYR B 583 10.58 -9.13 -4.04
C TYR B 583 11.47 -7.93 -4.35
N ILE B 584 11.76 -7.17 -3.34
CA ILE B 584 12.64 -6.01 -3.48
C ILE B 584 13.33 -5.77 -2.15
N ARG B 585 14.07 -6.80 -1.78
CA ARG B 585 14.84 -6.79 -0.54
C ARG B 585 16.29 -6.44 -0.85
N TRP B 586 16.76 -6.51 -2.06
CA TRP B 586 18.17 -6.30 -2.36
C TRP B 586 18.53 -4.83 -2.32
N ASN B 587 17.68 -3.93 -2.78
CA ASN B 587 18.02 -2.51 -2.79
C ASN B 587 18.33 -1.99 -1.39
N PRO B 588 19.33 -1.10 -1.27
CA PRO B 588 19.75 -0.51 0.01
C PRO B 588 18.65 0.33 0.65
N ARG B 589 17.40 -0.03 0.38
CA ARG B 589 16.22 0.69 0.92
C ARG B 589 16.28 2.16 0.55
P PO4 C . -6.41 33.19 -8.13
O1 PO4 C . -6.35 32.80 -6.70
O2 PO4 C . -5.07 33.03 -8.74
O3 PO4 C . -7.39 32.34 -8.84
O4 PO4 C . -6.83 34.61 -8.22
P PO4 D . 0.61 29.49 -6.89
O1 PO4 D . 0.99 30.31 -5.73
O2 PO4 D . 0.84 28.05 -6.60
O3 PO4 D . 1.41 29.90 -8.07
O4 PO4 D . -0.83 29.71 -7.18
P PO4 E . 3.22 -31.19 -14.69
O1 PO4 E . 3.66 -32.01 -15.84
O2 PO4 E . 4.39 -30.61 -14.00
O3 PO4 E . 2.35 -30.10 -15.18
O4 PO4 E . 2.45 -32.03 -13.74
P PO4 F . -2.62 -28.55 -10.41
O1 PO4 F . -2.72 -29.50 -9.27
O2 PO4 F . -2.73 -27.16 -9.91
O3 PO4 F . -3.70 -28.82 -11.37
O4 PO4 F . -1.31 -28.73 -11.09
#